data_6NEH
#
_entry.id   6NEH
#
_cell.length_a   61.130
_cell.length_b   77.740
_cell.length_c   67.350
_cell.angle_alpha   90.00
_cell.angle_beta   91.85
_cell.angle_gamma   90.00
#
_symmetry.space_group_name_H-M   'P 1 21 1'
#
loop_
_entity.id
_entity.type
_entity.pdbx_description
1 polymer '(S)-scoulerine 9-O-methyltransferase'
2 non-polymer S-ADENOSYL-L-HOMOCYSTEINE
3 non-polymer (13aS)-3,10-dimethoxy-5,8,13,13a-tetrahydro-6H-isoquino[3,2-a]isoquinoline-2,9-diol
4 water water
#
_entity_poly.entity_id   1
_entity_poly.type   'polypeptide(L)'
_entity_poly.pdbx_seq_one_letter_code
;MGSSHHHHHHSSGLVPRGSHMALQEGVNYLSGLGLSRLICLPMALRAAIELNVFEIIFQAGPEAQLSPAEIVAKIPTKNP
NAAIALDRILRMLGASSILSVTTMKDGRVYGLTEESRCLVADKNGVSVVPMLLFTSDKAVVESFYNIKDVVLEEGVIPFD
RTHGMDFFAYAGKEQSVNKSFNQAMGAGSTIAFDEVFKVYKGFHDLKELVDVGGGIGTSLSNIISKYPHIKGINFELPHV
IADAPNYPGVEHIAGNMFEGVPNAQNILLKWVLHDWDDERSIKILQNCWKALPEGGTVIVVEFVLPQILGNNAESFNALT
PDLLMMTLNPGGKERTTTEFDGLAKAAGFAETKFFPISQGLHVMEFHKATAGVAS
;
_entity_poly.pdbx_strand_id   A,B
#
loop_
_chem_comp.id
_chem_comp.type
_chem_comp.name
_chem_comp.formula
SLX non-polymer (13aS)-3,10-dimethoxy-5,8,13,13a-tetrahydro-6H-isoquino[3,2-a]isoquinoline-2,9-diol 'C19 H21 N O4'
#
# COMPACT_ATOMS: atom_id res chain seq x y z
N VAL A 27 -26.54 5.56 -3.54
CA VAL A 27 -25.17 5.34 -3.15
C VAL A 27 -24.35 6.60 -3.41
N ASN A 28 -23.51 7.00 -2.47
CA ASN A 28 -22.61 8.12 -2.67
C ASN A 28 -21.26 7.55 -3.09
N TYR A 29 -20.99 7.60 -4.40
CA TYR A 29 -19.76 6.99 -4.88
C TYR A 29 -18.50 7.75 -4.47
N LEU A 30 -18.63 8.97 -3.95
CA LEU A 30 -17.44 9.64 -3.44
C LEU A 30 -16.75 8.81 -2.37
N SER A 31 -17.53 7.99 -1.65
CA SER A 31 -16.99 7.21 -0.54
C SER A 31 -15.97 6.17 -0.99
N GLY A 32 -15.91 5.84 -2.27
CA GLY A 32 -14.96 4.84 -2.70
C GLY A 32 -13.63 5.46 -3.11
N LEU A 33 -13.62 6.77 -3.40
CA LEU A 33 -12.39 7.36 -3.95
C LEU A 33 -11.26 7.30 -2.95
N GLY A 34 -11.58 7.45 -1.66
CA GLY A 34 -10.62 7.37 -0.59
C GLY A 34 -9.92 6.04 -0.47
N LEU A 35 -10.38 5.00 -1.17
CA LEU A 35 -9.64 3.74 -1.12
C LEU A 35 -8.26 3.88 -1.72
N SER A 36 -7.99 4.97 -2.46
CA SER A 36 -6.62 5.22 -2.92
C SER A 36 -5.65 5.45 -1.76
N ARG A 37 -6.17 5.74 -0.56
CA ARG A 37 -5.30 5.86 0.60
C ARG A 37 -4.45 4.61 0.80
N LEU A 38 -4.98 3.44 0.39
CA LEU A 38 -4.30 2.20 0.70
C LEU A 38 -2.92 2.14 0.06
N ILE A 39 -2.75 2.72 -1.13
CA ILE A 39 -1.44 2.70 -1.73
C ILE A 39 -0.59 3.86 -1.20
N CYS A 40 -1.22 4.98 -0.84
CA CYS A 40 -0.48 6.14 -0.34
C CYS A 40 0.21 5.83 0.98
N LEU A 41 -0.50 5.15 1.88
CA LEU A 41 -0.01 4.98 3.24
C LEU A 41 1.28 4.20 3.33
N PRO A 42 1.42 3.01 2.71
CA PRO A 42 2.71 2.32 2.80
C PRO A 42 3.86 3.11 2.21
N MET A 43 3.60 3.90 1.16
CA MET A 43 4.66 4.67 0.53
C MET A 43 5.03 5.86 1.41
N ALA A 44 4.07 6.43 2.12
CA ALA A 44 4.40 7.45 3.12
C ALA A 44 5.25 6.85 4.24
N LEU A 45 4.89 5.64 4.70
CA LEU A 45 5.65 5.03 5.77
C LEU A 45 7.08 4.75 5.34
N ARG A 46 7.25 4.19 4.14
CA ARG A 46 8.58 3.93 3.62
C ARG A 46 9.41 5.21 3.62
N ALA A 47 8.79 6.33 3.17
CA ALA A 47 9.53 7.59 3.11
C ALA A 47 9.93 8.06 4.49
N ALA A 48 9.02 7.95 5.47
CA ALA A 48 9.34 8.36 6.83
C ALA A 48 10.46 7.51 7.39
N ILE A 49 10.48 6.21 7.07
CA ILE A 49 11.55 5.35 7.53
C ILE A 49 12.87 5.82 6.94
N GLU A 50 12.89 6.09 5.63
CA GLU A 50 14.12 6.45 4.95
C GLU A 50 14.61 7.83 5.38
N LEU A 51 13.72 8.67 5.86
CA LEU A 51 14.08 9.98 6.41
C LEU A 51 14.45 9.94 7.88
N ASN A 52 14.36 8.77 8.52
CA ASN A 52 14.79 8.56 9.89
C ASN A 52 13.90 9.28 10.90
N VAL A 53 12.63 9.47 10.55
CA VAL A 53 11.73 10.26 11.39
C VAL A 53 11.57 9.66 12.79
N PHE A 54 11.46 8.33 12.87
CA PHE A 54 11.09 7.71 14.14
C PHE A 54 12.22 7.81 15.15
N GLU A 55 13.46 7.62 14.70
CA GLU A 55 14.63 7.81 15.55
C GLU A 55 14.77 9.27 15.99
N ILE A 56 14.48 10.21 15.08
CA ILE A 56 14.58 11.62 15.44
C ILE A 56 13.59 11.95 16.55
N ILE A 57 12.35 11.50 16.41
CA ILE A 57 11.37 11.70 17.47
C ILE A 57 11.84 11.04 18.76
N PHE A 58 12.31 9.80 18.67
CA PHE A 58 12.68 9.07 19.88
C PHE A 58 13.79 9.79 20.64
N GLN A 59 14.76 10.35 19.91
CA GLN A 59 15.89 11.00 20.56
C GLN A 59 15.46 12.17 21.43
N ALA A 60 14.29 12.75 21.15
CA ALA A 60 13.77 13.86 21.94
C ALA A 60 13.08 13.43 23.23
N GLY A 61 12.84 12.17 23.41
CA GLY A 61 12.15 11.67 24.55
C GLY A 61 11.18 10.62 24.03
N PRO A 62 11.16 9.40 24.72
CA PRO A 62 10.25 8.39 24.18
C PRO A 62 8.80 8.87 24.12
N GLU A 63 8.42 9.96 24.82
CA GLU A 63 7.08 10.54 24.74
C GLU A 63 7.03 11.86 23.99
N ALA A 64 8.13 12.29 23.38
CA ALA A 64 8.16 13.59 22.74
C ALA A 64 7.18 13.65 21.58
N GLN A 65 6.66 14.83 21.32
CA GLN A 65 5.97 15.13 20.08
C GLN A 65 6.71 16.28 19.43
N LEU A 66 7.16 16.09 18.20
CA LEU A 66 7.98 17.07 17.51
C LEU A 66 7.24 17.64 16.31
N SER A 67 7.49 18.93 16.05
CA SER A 67 6.99 19.55 14.85
C SER A 67 7.79 19.10 13.64
N PRO A 68 7.21 19.18 12.44
CA PRO A 68 8.02 18.94 11.23
C PRO A 68 9.27 19.80 11.19
N ALA A 69 9.21 21.05 11.63
CA ALA A 69 10.41 21.88 11.62
C ALA A 69 11.48 21.34 12.56
N GLU A 70 11.06 20.86 13.74
CA GLU A 70 12.02 20.25 14.67
C GLU A 70 12.63 18.97 14.09
N ILE A 71 11.84 18.19 13.34
CA ILE A 71 12.36 16.96 12.76
C ILE A 71 13.34 17.29 11.63
N VAL A 72 12.99 18.25 10.78
CA VAL A 72 13.86 18.69 9.69
C VAL A 72 15.17 19.26 10.20
N ALA A 73 15.17 19.83 11.42
CA ALA A 73 16.42 20.26 12.03
C ALA A 73 17.46 19.15 12.08
N LYS A 74 17.03 17.90 12.10
CA LYS A 74 17.92 16.75 12.28
C LYS A 74 18.05 15.93 11.01
N ILE A 75 17.56 16.45 9.89
CA ILE A 75 17.66 15.82 8.57
C ILE A 75 18.63 16.63 7.72
N PRO A 76 19.61 16.00 7.06
CA PRO A 76 20.52 16.74 6.17
C PRO A 76 19.80 17.16 4.89
N THR A 77 19.43 18.42 4.86
CA THR A 77 18.76 18.97 3.70
C THR A 77 19.01 20.46 3.67
N LYS A 78 19.16 21.00 2.45
CA LYS A 78 19.19 22.43 2.21
C LYS A 78 17.87 22.96 1.64
N ASN A 79 16.82 22.15 1.64
CA ASN A 79 15.54 22.52 1.05
C ASN A 79 14.70 23.31 2.05
N PRO A 80 14.45 24.61 1.81
CA PRO A 80 13.66 25.37 2.78
C PRO A 80 12.22 24.91 2.91
N ASN A 81 11.74 24.17 1.91
CA ASN A 81 10.40 23.59 1.92
C ASN A 81 10.32 22.28 2.68
N ALA A 82 11.44 21.82 3.28
CA ALA A 82 11.48 20.46 3.79
C ALA A 82 10.40 20.22 4.82
N ALA A 83 10.15 21.16 5.73
CA ALA A 83 9.22 20.87 6.82
C ALA A 83 7.78 20.80 6.31
N ILE A 84 7.39 21.72 5.43
CA ILE A 84 6.08 21.65 4.79
C ILE A 84 5.92 20.30 4.07
N ALA A 85 6.93 19.90 3.32
CA ALA A 85 6.85 18.64 2.59
C ALA A 85 6.76 17.47 3.57
N LEU A 86 7.57 17.49 4.62
CA LEU A 86 7.56 16.39 5.57
C LEU A 86 6.22 16.27 6.27
N ASP A 87 5.62 17.40 6.62
CA ASP A 87 4.31 17.39 7.26
C ASP A 87 3.28 16.69 6.37
N ARG A 88 3.39 16.83 5.06
CA ARG A 88 2.43 16.16 4.18
C ARG A 88 2.49 14.63 4.35
N ILE A 89 3.69 14.08 4.52
CA ILE A 89 3.87 12.64 4.75
C ILE A 89 3.40 12.26 6.15
N LEU A 90 3.87 13.00 7.15
CA LEU A 90 3.58 12.65 8.52
C LEU A 90 2.09 12.78 8.85
N ARG A 91 1.37 13.74 8.28
CA ARG A 91 -0.03 13.86 8.67
C ARG A 91 -0.86 12.68 8.16
N MET A 92 -0.46 12.08 7.04
CA MET A 92 -1.11 10.84 6.61
C MET A 92 -0.83 9.73 7.61
N LEU A 93 0.42 9.64 8.09
CA LEU A 93 0.71 8.63 9.10
C LEU A 93 -0.06 8.90 10.39
N GLY A 94 -0.20 10.17 10.76
CA GLY A 94 -0.95 10.52 11.95
C GLY A 94 -2.44 10.21 11.84
N ALA A 95 -3.05 10.56 10.71
CA ALA A 95 -4.47 10.27 10.52
C ALA A 95 -4.70 8.78 10.58
N SER A 96 -3.72 7.99 10.21
CA SER A 96 -3.80 6.54 10.19
C SER A 96 -3.33 5.89 11.49
N SER A 97 -3.05 6.68 12.52
CA SER A 97 -2.68 6.18 13.85
C SER A 97 -1.34 5.45 13.87
N ILE A 98 -0.47 5.72 12.89
CA ILE A 98 0.90 5.22 12.93
C ILE A 98 1.79 6.15 13.75
N LEU A 99 1.50 7.44 13.73
CA LEU A 99 2.07 8.43 14.63
C LEU A 99 0.94 9.05 15.43
N SER A 100 1.24 9.49 16.64
CA SER A 100 0.34 10.38 17.33
C SER A 100 0.48 11.76 16.72
N VAL A 101 -0.62 12.50 16.67
CA VAL A 101 -0.59 13.84 16.13
C VAL A 101 -1.40 14.74 17.06
N THR A 102 -0.86 15.92 17.33
CA THR A 102 -1.58 16.99 18.04
C THR A 102 -1.43 18.27 17.25
N THR A 103 -2.51 19.02 17.07
CA THR A 103 -2.45 20.29 16.37
C THR A 103 -2.35 21.43 17.39
N MET A 104 -1.23 22.16 17.38
CA MET A 104 -0.95 23.26 18.31
C MET A 104 -0.89 24.59 17.55
N LYS A 105 -0.56 25.66 18.30
CA LYS A 105 -0.60 27.00 17.69
C LYS A 105 0.35 27.10 16.50
N ASP A 106 1.49 26.44 16.55
CA ASP A 106 2.42 26.53 15.44
C ASP A 106 2.24 25.43 14.41
N GLY A 107 1.25 24.55 14.57
CA GLY A 107 1.01 23.49 13.62
C GLY A 107 1.01 22.15 14.30
N ARG A 108 1.10 21.09 13.50
CA ARG A 108 1.03 19.74 14.05
C ARG A 108 2.36 19.34 14.67
N VAL A 109 2.27 18.53 15.72
CA VAL A 109 3.42 17.85 16.31
C VAL A 109 3.14 16.36 16.34
N TYR A 110 4.20 15.56 16.26
CA TYR A 110 4.09 14.14 16.01
C TYR A 110 4.88 13.31 17.03
N GLY A 111 4.25 12.24 17.54
CA GLY A 111 4.93 11.31 18.42
C GLY A 111 4.77 9.86 17.99
N LEU A 112 5.44 8.98 18.75
CA LEU A 112 5.46 7.56 18.43
C LEU A 112 4.25 6.81 19.01
N THR A 113 3.91 5.68 18.37
CA THR A 113 2.91 4.73 18.86
C THR A 113 3.57 3.40 19.23
N GLU A 114 2.76 2.44 19.73
CA GLU A 114 3.28 1.11 20.02
C GLU A 114 3.87 0.46 18.78
N GLU A 115 3.19 0.60 17.63
CA GLU A 115 3.75 0.07 16.40
C GLU A 115 4.98 0.86 15.96
N SER A 116 4.87 2.19 15.95
CA SER A 116 5.97 2.95 15.37
C SER A 116 7.17 2.99 16.29
N ARG A 117 6.99 2.76 17.59
CA ARG A 117 8.14 2.53 18.48
C ARG A 117 8.98 1.35 18.02
N CYS A 118 8.37 0.38 17.30
CA CYS A 118 9.16 -0.74 16.79
C CYS A 118 10.02 -0.37 15.61
N LEU A 119 9.88 0.87 15.11
CA LEU A 119 10.74 1.39 14.07
C LEU A 119 12.00 2.06 14.63
N VAL A 120 12.17 2.05 15.96
CA VAL A 120 13.33 2.64 16.63
C VAL A 120 14.24 1.49 17.06
N ALA A 121 15.54 1.59 16.75
CA ALA A 121 16.46 0.50 17.07
C ALA A 121 16.63 0.36 18.57
N ASP A 122 16.75 -0.90 19.03
CA ASP A 122 17.01 -1.17 20.43
C ASP A 122 18.51 -0.97 20.69
N LYS A 123 18.94 -1.29 21.91
CA LYS A 123 20.34 -1.10 22.29
C LYS A 123 21.28 -1.90 21.41
N ASN A 124 20.79 -2.96 20.78
CA ASN A 124 21.59 -3.80 19.90
C ASN A 124 21.50 -3.39 18.44
N GLY A 125 20.79 -2.30 18.13
CA GLY A 125 20.66 -1.88 16.75
C GLY A 125 19.57 -2.58 15.98
N VAL A 126 18.62 -3.22 16.66
CA VAL A 126 17.61 -4.05 16.02
C VAL A 126 16.28 -3.34 16.04
N SER A 127 15.60 -3.35 14.89
CA SER A 127 14.23 -2.88 14.79
C SER A 127 13.55 -3.68 13.69
N VAL A 128 12.28 -3.34 13.45
CA VAL A 128 11.60 -3.94 12.29
C VAL A 128 11.93 -3.25 10.97
N VAL A 129 12.73 -2.19 10.98
CA VAL A 129 13.00 -1.44 9.75
C VAL A 129 13.47 -2.35 8.61
N PRO A 130 14.44 -3.26 8.82
CA PRO A 130 14.88 -4.09 7.69
C PRO A 130 13.75 -4.91 7.07
N MET A 131 12.82 -5.39 7.89
CA MET A 131 11.70 -6.15 7.36
C MET A 131 10.76 -5.25 6.57
N LEU A 132 10.46 -4.06 7.11
CA LEU A 132 9.47 -3.19 6.45
C LEU A 132 10.03 -2.64 5.15
N LEU A 133 11.35 -2.43 5.06
CA LEU A 133 11.92 -1.97 3.80
C LEU A 133 11.98 -3.11 2.78
N PHE A 134 12.27 -4.35 3.24
CA PHE A 134 12.25 -5.45 2.29
C PHE A 134 10.85 -5.72 1.74
N THR A 135 9.83 -5.72 2.60
CA THR A 135 8.53 -6.17 2.11
C THR A 135 7.84 -5.14 1.22
N SER A 136 8.34 -3.91 1.16
CA SER A 136 7.88 -2.91 0.21
C SER A 136 8.93 -2.58 -0.84
N ASP A 137 9.98 -3.39 -0.92
CA ASP A 137 11.00 -3.23 -1.95
C ASP A 137 10.39 -3.36 -3.35
N LYS A 138 11.04 -2.71 -4.32
CA LYS A 138 10.52 -2.72 -5.68
C LYS A 138 10.35 -4.15 -6.23
N ALA A 139 11.26 -5.08 -5.91
CA ALA A 139 11.13 -6.41 -6.50
C ALA A 139 9.88 -7.11 -5.98
N VAL A 140 9.56 -6.89 -4.72
CA VAL A 140 8.37 -7.46 -4.11
C VAL A 140 7.11 -6.81 -4.67
N VAL A 141 7.07 -5.49 -4.67
CA VAL A 141 5.88 -4.79 -5.12
C VAL A 141 5.62 -5.06 -6.59
N GLU A 142 6.68 -5.12 -7.41
CA GLU A 142 6.49 -5.50 -8.81
C GLU A 142 5.80 -6.85 -8.91
N SER A 143 6.22 -7.83 -8.09
CA SER A 143 5.57 -9.13 -8.18
C SER A 143 4.08 -9.08 -7.79
N PHE A 144 3.75 -8.23 -6.83
CA PHE A 144 2.38 -8.14 -6.34
C PHE A 144 1.38 -7.77 -7.44
N TYR A 145 1.82 -7.09 -8.52
CA TYR A 145 0.91 -6.78 -9.61
C TYR A 145 0.33 -8.03 -10.26
N ASN A 146 0.96 -9.19 -10.05
CA ASN A 146 0.52 -10.44 -10.66
C ASN A 146 -0.05 -11.44 -9.64
N ILE A 147 -0.40 -10.98 -8.45
CA ILE A 147 -0.92 -11.91 -7.45
C ILE A 147 -2.26 -12.51 -7.90
N LYS A 148 -3.02 -11.80 -8.74
CA LYS A 148 -4.28 -12.37 -9.21
C LYS A 148 -4.06 -13.62 -10.06
N ASP A 149 -2.86 -13.78 -10.62
CA ASP A 149 -2.58 -14.94 -11.45
C ASP A 149 -2.62 -16.24 -10.64
N VAL A 150 -2.42 -16.17 -9.33
CA VAL A 150 -2.53 -17.38 -8.52
C VAL A 150 -3.97 -17.85 -8.46
N VAL A 151 -4.92 -16.92 -8.54
CA VAL A 151 -6.31 -17.31 -8.65
C VAL A 151 -6.59 -17.87 -10.03
N LEU A 152 -6.07 -17.21 -11.07
CA LEU A 152 -6.52 -17.53 -12.42
C LEU A 152 -5.83 -18.74 -13.04
N GLU A 153 -4.59 -19.03 -12.66
CA GLU A 153 -3.78 -20.01 -13.36
C GLU A 153 -3.10 -20.95 -12.39
N GLU A 154 -3.19 -22.24 -12.68
CA GLU A 154 -2.50 -23.25 -11.89
C GLU A 154 -0.99 -23.14 -12.07
N GLY A 155 -0.27 -23.24 -10.95
CA GLY A 155 1.18 -23.33 -10.98
C GLY A 155 1.95 -22.04 -11.17
N VAL A 156 1.29 -20.89 -11.17
CA VAL A 156 1.98 -19.63 -11.42
C VAL A 156 2.40 -19.01 -10.10
N ILE A 157 3.65 -18.60 -10.01
CA ILE A 157 4.15 -17.83 -8.89
C ILE A 157 4.32 -16.39 -9.38
N PRO A 158 3.69 -15.41 -8.73
CA PRO A 158 3.81 -14.02 -9.23
C PRO A 158 5.24 -13.55 -9.40
N PHE A 159 6.11 -13.81 -8.43
CA PHE A 159 7.50 -13.35 -8.54
C PHE A 159 8.18 -13.96 -9.75
N ASP A 160 8.04 -15.27 -9.92
CA ASP A 160 8.67 -15.95 -11.05
C ASP A 160 8.16 -15.40 -12.37
N ARG A 161 6.85 -15.13 -12.44
CA ARG A 161 6.29 -14.59 -13.68
C ARG A 161 6.84 -13.20 -13.96
N THR A 162 7.09 -12.42 -12.91
CA THR A 162 7.56 -11.04 -13.07
C THR A 162 9.06 -10.96 -13.32
N HIS A 163 9.85 -11.89 -12.80
CA HIS A 163 11.30 -11.78 -12.81
C HIS A 163 12.03 -12.91 -13.50
N GLY A 164 11.33 -13.93 -14.00
CA GLY A 164 11.96 -14.98 -14.77
C GLY A 164 12.58 -16.11 -13.97
N MET A 165 12.52 -16.06 -12.65
CA MET A 165 13.09 -17.12 -11.83
C MET A 165 12.49 -17.00 -10.44
N ASP A 166 12.73 -18.03 -9.64
CA ASP A 166 12.18 -18.05 -8.29
C ASP A 166 12.92 -17.07 -7.40
N PHE A 167 12.28 -16.75 -6.27
CA PHE A 167 12.81 -15.69 -5.42
C PHE A 167 14.22 -16.01 -4.93
N PHE A 168 14.49 -17.24 -4.53
CA PHE A 168 15.80 -17.53 -3.97
C PHE A 168 16.88 -17.50 -5.04
N ALA A 169 16.57 -18.00 -6.23
CA ALA A 169 17.51 -17.86 -7.35
C ALA A 169 17.79 -16.38 -7.67
N TYR A 170 16.72 -15.57 -7.68
CA TYR A 170 16.90 -14.15 -7.94
C TYR A 170 17.79 -13.52 -6.89
N ALA A 171 17.63 -13.92 -5.62
CA ALA A 171 18.51 -13.40 -4.58
C ALA A 171 19.95 -13.78 -4.87
N GLY A 172 20.16 -14.95 -5.47
CA GLY A 172 21.50 -15.32 -5.86
C GLY A 172 22.06 -14.47 -6.98
N LYS A 173 21.18 -13.88 -7.80
CA LYS A 173 21.65 -13.05 -8.92
C LYS A 173 21.70 -11.56 -8.64
N GLU A 174 20.91 -11.03 -7.71
CA GLU A 174 20.80 -9.59 -7.51
C GLU A 174 21.22 -9.31 -6.07
N GLN A 175 22.44 -8.80 -5.89
CA GLN A 175 22.98 -8.65 -4.54
C GLN A 175 22.16 -7.68 -3.69
N SER A 176 21.54 -6.67 -4.31
CA SER A 176 20.83 -5.71 -3.48
C SER A 176 19.62 -6.36 -2.82
N VAL A 177 18.96 -7.27 -3.53
CA VAL A 177 17.85 -8.06 -2.97
C VAL A 177 18.37 -9.10 -1.99
N ASN A 178 19.43 -9.81 -2.35
CA ASN A 178 20.05 -10.73 -1.40
C ASN A 178 20.30 -10.03 -0.07
N LYS A 179 20.91 -8.84 -0.09
CA LYS A 179 21.23 -8.17 1.15
C LYS A 179 19.97 -7.68 1.87
N SER A 180 19.05 -7.05 1.14
CA SER A 180 17.84 -6.55 1.78
C SER A 180 17.07 -7.68 2.45
N PHE A 181 16.92 -8.79 1.74
CA PHE A 181 16.18 -9.94 2.27
C PHE A 181 16.93 -10.56 3.45
N ASN A 182 18.23 -10.78 3.31
CA ASN A 182 18.97 -11.43 4.40
C ASN A 182 18.93 -10.59 5.66
N GLN A 183 19.01 -9.25 5.51
CA GLN A 183 18.95 -8.36 6.67
C GLN A 183 17.57 -8.35 7.28
N ALA A 184 16.52 -8.40 6.44
CA ALA A 184 15.15 -8.48 6.95
C ALA A 184 14.98 -9.75 7.80
N MET A 185 15.43 -10.88 7.26
CA MET A 185 15.31 -12.15 8.00
C MET A 185 16.15 -12.14 9.27
N GLY A 186 17.37 -11.59 9.20
CA GLY A 186 18.20 -11.52 10.40
C GLY A 186 17.57 -10.69 11.50
N ALA A 187 17.09 -9.48 11.14
CA ALA A 187 16.42 -8.65 12.13
C ALA A 187 15.22 -9.35 12.70
N GLY A 188 14.40 -9.95 11.84
CA GLY A 188 13.26 -10.71 12.32
C GLY A 188 13.68 -11.85 13.24
N SER A 189 14.83 -12.45 12.97
CA SER A 189 15.31 -13.56 13.80
C SER A 189 15.63 -13.09 15.19
N THR A 190 16.40 -12.00 15.31
CA THR A 190 16.73 -11.50 16.65
C THR A 190 15.47 -11.12 17.41
N ILE A 191 14.52 -10.45 16.74
CA ILE A 191 13.25 -10.11 17.38
C ILE A 191 12.52 -11.37 17.84
N ALA A 192 12.44 -12.37 16.96
CA ALA A 192 11.71 -13.58 17.29
C ALA A 192 12.34 -14.27 18.48
N PHE A 193 13.67 -14.44 18.48
CA PHE A 193 14.31 -15.20 19.55
C PHE A 193 14.36 -14.41 20.85
N ASP A 194 14.43 -13.08 20.79
CA ASP A 194 14.25 -12.31 22.01
C ASP A 194 12.94 -12.69 22.67
N GLU A 195 11.88 -12.89 21.87
CA GLU A 195 10.63 -13.32 22.49
C GLU A 195 10.61 -14.83 22.83
N VAL A 196 11.14 -15.69 21.95
CA VAL A 196 11.13 -17.14 22.19
C VAL A 196 11.78 -17.46 23.53
N PHE A 197 12.95 -16.87 23.79
CA PHE A 197 13.73 -17.27 24.94
C PHE A 197 13.06 -16.89 26.25
N LYS A 198 12.07 -16.00 26.21
CA LYS A 198 11.36 -15.66 27.43
C LYS A 198 10.45 -16.79 27.90
N VAL A 199 10.00 -17.66 26.98
CA VAL A 199 8.91 -18.58 27.23
C VAL A 199 9.29 -20.03 26.96
N TYR A 200 10.18 -20.28 26.02
CA TYR A 200 10.48 -21.64 25.56
C TYR A 200 11.89 -22.02 26.00
N LYS A 201 12.00 -23.11 26.75
CA LYS A 201 13.29 -23.52 27.31
C LYS A 201 13.89 -24.74 26.62
N GLY A 202 13.28 -25.19 25.52
CA GLY A 202 13.66 -26.43 24.88
C GLY A 202 15.06 -26.45 24.30
N PHE A 203 15.66 -25.28 24.07
CA PHE A 203 17.00 -25.28 23.52
C PHE A 203 18.05 -25.65 24.58
N HIS A 204 17.72 -25.51 25.86
CA HIS A 204 18.72 -25.72 26.91
C HIS A 204 19.29 -27.13 26.86
N ASP A 205 18.50 -28.10 26.41
CA ASP A 205 18.86 -29.51 26.48
C ASP A 205 19.62 -30.00 25.25
N LEU A 206 19.88 -29.13 24.29
CA LEU A 206 20.48 -29.53 23.02
C LEU A 206 22.00 -29.49 23.08
N LYS A 207 22.63 -30.38 22.32
CA LYS A 207 24.07 -30.37 22.14
C LYS A 207 24.53 -30.02 20.72
N GLU A 208 23.76 -30.40 19.70
CA GLU A 208 24.07 -30.10 18.30
C GLU A 208 22.78 -29.63 17.65
N LEU A 209 22.89 -28.61 16.78
CA LEU A 209 21.72 -28.04 16.12
C LEU A 209 22.09 -27.57 14.72
N VAL A 210 21.47 -28.18 13.70
CA VAL A 210 21.63 -27.76 12.33
C VAL A 210 20.43 -26.91 11.99
N ASP A 211 20.68 -25.67 11.55
CA ASP A 211 19.63 -24.73 11.18
C ASP A 211 19.47 -24.88 9.67
N VAL A 212 18.40 -25.54 9.25
CA VAL A 212 18.19 -25.81 7.85
C VAL A 212 17.52 -24.60 7.23
N GLY A 213 18.17 -23.99 6.25
CA GLY A 213 17.70 -22.73 5.71
C GLY A 213 17.86 -21.59 6.69
N GLY A 214 18.96 -21.57 7.44
CA GLY A 214 19.15 -20.65 8.55
C GLY A 214 19.56 -19.22 8.26
N GLY A 215 19.39 -18.77 7.02
CA GLY A 215 19.74 -17.39 6.69
C GLY A 215 21.23 -17.16 6.86
N ILE A 216 21.55 -15.91 7.22
CA ILE A 216 22.96 -15.54 7.41
C ILE A 216 23.49 -16.00 8.76
N GLY A 217 22.73 -16.81 9.49
CA GLY A 217 23.22 -17.36 10.74
C GLY A 217 22.81 -16.63 11.99
N THR A 218 21.98 -15.60 11.87
CA THR A 218 21.58 -14.81 13.03
C THR A 218 20.85 -15.65 14.07
N SER A 219 19.96 -16.53 13.62
CA SER A 219 19.22 -17.39 14.52
C SER A 219 20.17 -18.25 15.35
N LEU A 220 21.12 -18.91 14.68
CA LEU A 220 22.10 -19.73 15.39
C LEU A 220 22.97 -18.89 16.30
N SER A 221 23.36 -17.69 15.86
CA SER A 221 24.16 -16.84 16.76
C SER A 221 23.38 -16.51 18.03
N ASN A 222 22.09 -16.18 17.91
CA ASN A 222 21.28 -15.95 19.10
C ASN A 222 21.28 -17.19 20.00
N ILE A 223 21.06 -18.36 19.38
CA ILE A 223 20.93 -19.60 20.16
C ILE A 223 22.24 -19.96 20.85
N ILE A 224 23.33 -20.02 20.10
CA ILE A 224 24.59 -20.47 20.68
C ILE A 224 25.16 -19.40 21.61
N SER A 225 24.78 -18.14 21.46
CA SER A 225 25.16 -17.14 22.45
C SER A 225 24.44 -17.38 23.77
N LYS A 226 23.15 -17.74 23.70
CA LYS A 226 22.38 -18.01 24.90
C LYS A 226 22.72 -19.38 25.47
N TYR A 227 23.18 -20.31 24.63
CA TYR A 227 23.48 -21.69 25.02
C TYR A 227 24.84 -22.06 24.46
N PRO A 228 25.93 -21.65 25.12
CA PRO A 228 27.27 -21.79 24.52
C PRO A 228 27.76 -23.22 24.42
N HIS A 229 27.08 -24.19 25.01
CA HIS A 229 27.45 -25.57 24.81
C HIS A 229 27.01 -26.10 23.46
N ILE A 230 26.14 -25.36 22.75
CA ILE A 230 25.56 -25.83 21.52
C ILE A 230 26.50 -25.50 20.37
N LYS A 231 26.80 -26.51 19.57
CA LYS A 231 27.47 -26.33 18.29
C LYS A 231 26.39 -26.05 17.26
N GLY A 232 26.51 -24.91 16.59
CA GLY A 232 25.53 -24.46 15.62
C GLY A 232 26.10 -24.55 14.22
N ILE A 233 25.35 -25.23 13.36
CA ILE A 233 25.72 -25.42 11.98
C ILE A 233 24.59 -24.84 11.14
N ASN A 234 24.90 -23.85 10.31
CA ASN A 234 23.95 -23.25 9.38
C ASN A 234 24.05 -23.94 8.03
N PHE A 235 22.91 -24.38 7.49
CA PHE A 235 22.85 -25.10 6.23
C PHE A 235 22.08 -24.21 5.25
N GLU A 236 22.79 -23.66 4.26
CA GLU A 236 22.16 -22.63 3.44
C GLU A 236 22.66 -22.69 2.00
N LEU A 237 21.99 -21.90 1.15
CA LEU A 237 22.44 -21.71 -0.23
C LEU A 237 23.72 -20.87 -0.23
N PRO A 238 24.62 -21.15 -1.19
CA PRO A 238 25.90 -20.43 -1.18
C PRO A 238 25.78 -18.91 -1.16
N HIS A 239 24.84 -18.32 -1.90
CA HIS A 239 24.79 -16.86 -1.96
C HIS A 239 24.38 -16.24 -0.63
N VAL A 240 23.70 -17.00 0.23
CA VAL A 240 23.37 -16.49 1.55
C VAL A 240 24.59 -16.56 2.45
N ILE A 241 25.30 -17.69 2.41
CA ILE A 241 26.49 -17.83 3.22
C ILE A 241 27.53 -16.80 2.83
N ALA A 242 27.63 -16.51 1.53
CA ALA A 242 28.61 -15.51 1.06
C ALA A 242 28.32 -14.14 1.63
N ASP A 243 27.05 -13.85 1.96
CA ASP A 243 26.60 -12.59 2.52
C ASP A 243 26.60 -12.57 4.04
N ALA A 244 27.08 -13.65 4.70
CA ALA A 244 26.88 -13.69 6.13
C ALA A 244 28.02 -13.00 6.87
N PRO A 245 27.69 -12.39 8.00
CA PRO A 245 28.73 -11.85 8.89
C PRO A 245 29.46 -12.98 9.57
N ASN A 246 30.59 -12.61 10.18
CA ASN A 246 31.42 -13.54 10.94
C ASN A 246 30.89 -13.68 12.37
N TYR A 247 29.76 -14.37 12.49
CA TYR A 247 29.23 -14.65 13.82
C TYR A 247 30.15 -15.65 14.50
N PRO A 248 30.70 -15.35 15.67
CA PRO A 248 31.56 -16.34 16.34
C PRO A 248 30.81 -17.64 16.65
N GLY A 249 31.47 -18.75 16.35
CA GLY A 249 30.95 -20.06 16.68
C GLY A 249 29.98 -20.64 15.67
N VAL A 250 29.56 -19.88 14.68
CA VAL A 250 28.59 -20.39 13.72
C VAL A 250 29.37 -20.95 12.54
N GLU A 251 29.12 -22.22 12.24
CA GLU A 251 29.75 -22.86 11.09
C GLU A 251 28.73 -22.95 9.96
N HIS A 252 29.14 -22.60 8.75
CA HIS A 252 28.28 -22.67 7.56
C HIS A 252 28.60 -23.85 6.66
N ILE A 253 27.55 -24.54 6.22
CA ILE A 253 27.65 -25.61 5.24
C ILE A 253 26.71 -25.23 4.11
N ALA A 254 27.20 -25.27 2.88
CA ALA A 254 26.38 -24.95 1.71
C ALA A 254 25.74 -26.21 1.17
N GLY A 255 24.48 -26.09 0.75
CA GLY A 255 23.80 -27.24 0.21
C GLY A 255 22.39 -26.89 -0.20
N ASN A 256 21.69 -27.92 -0.68
CA ASN A 256 20.31 -27.84 -1.15
C ASN A 256 19.50 -28.80 -0.30
N MET A 257 18.64 -28.24 0.57
CA MET A 257 17.89 -29.06 1.52
C MET A 257 16.96 -30.05 0.85
N PHE A 258 16.58 -29.85 -0.42
CA PHE A 258 15.76 -30.85 -1.09
C PHE A 258 16.53 -32.11 -1.47
N GLU A 259 17.85 -32.01 -1.57
CA GLU A 259 18.68 -33.20 -1.84
C GLU A 259 19.01 -33.95 -0.56
N GLY A 260 19.12 -33.23 0.53
CA GLY A 260 19.38 -33.80 1.83
C GLY A 260 19.84 -32.73 2.77
N VAL A 261 19.83 -33.04 4.06
CA VAL A 261 20.37 -32.12 5.06
C VAL A 261 21.41 -32.87 5.88
N PRO A 262 22.34 -32.14 6.48
CA PRO A 262 23.42 -32.78 7.22
C PRO A 262 22.89 -33.62 8.37
N ASN A 263 23.56 -34.76 8.62
CA ASN A 263 23.32 -35.51 9.83
C ASN A 263 23.35 -34.57 11.02
N ALA A 264 22.40 -34.76 11.93
CA ALA A 264 22.19 -33.79 12.98
C ALA A 264 21.53 -34.47 14.17
N GLN A 265 21.88 -34.01 15.37
CA GLN A 265 21.16 -34.46 16.55
C GLN A 265 19.79 -33.79 16.65
N ASN A 266 19.68 -32.55 16.21
CA ASN A 266 18.44 -31.79 16.21
C ASN A 266 18.50 -30.80 15.07
N ILE A 267 17.32 -30.37 14.60
CA ILE A 267 17.24 -29.45 13.45
C ILE A 267 16.32 -28.29 13.79
N LEU A 268 16.69 -27.09 13.34
CA LEU A 268 15.83 -25.92 13.39
C LEU A 268 15.31 -25.59 12.00
N LEU A 269 14.01 -25.31 11.91
CA LEU A 269 13.37 -24.88 10.68
C LEU A 269 12.55 -23.64 11.01
N LYS A 270 13.09 -22.46 10.72
CA LYS A 270 12.40 -21.22 11.03
C LYS A 270 12.08 -20.47 9.74
N TRP A 271 10.79 -20.17 9.55
CA TRP A 271 10.36 -19.39 8.40
C TRP A 271 10.78 -20.04 7.09
N VAL A 272 10.86 -21.38 7.10
CA VAL A 272 11.18 -22.17 5.92
C VAL A 272 9.93 -22.88 5.41
N LEU A 273 9.26 -23.66 6.28
CA LEU A 273 8.09 -24.39 5.82
C LEU A 273 7.04 -23.46 5.21
N HIS A 274 6.86 -22.26 5.77
CA HIS A 274 5.83 -21.41 5.19
C HIS A 274 6.19 -20.90 3.80
N ASP A 275 7.43 -21.11 3.33
CA ASP A 275 7.81 -20.72 1.99
C ASP A 275 7.31 -21.68 0.91
N TRP A 276 6.83 -22.87 1.30
CA TRP A 276 6.66 -23.98 0.39
C TRP A 276 5.27 -24.58 0.50
N ASP A 277 4.80 -25.13 -0.61
CA ASP A 277 3.57 -25.89 -0.58
C ASP A 277 3.78 -27.17 0.24
N ASP A 278 2.67 -27.90 0.42
CA ASP A 278 2.69 -29.09 1.26
C ASP A 278 3.66 -30.13 0.73
N GLU A 279 3.68 -30.32 -0.59
CA GLU A 279 4.54 -31.34 -1.18
C GLU A 279 6.01 -31.07 -0.85
N ARG A 280 6.47 -29.83 -1.09
CA ARG A 280 7.86 -29.50 -0.84
C ARG A 280 8.16 -29.41 0.65
N SER A 281 7.19 -28.94 1.45
CA SER A 281 7.40 -28.95 2.90
C SER A 281 7.59 -30.36 3.42
N ILE A 282 6.78 -31.30 2.92
CA ILE A 282 6.92 -32.69 3.35
C ILE A 282 8.27 -33.22 2.92
N LYS A 283 8.73 -32.86 1.72
CA LYS A 283 10.05 -33.32 1.29
C LYS A 283 11.15 -32.81 2.23
N ILE A 284 11.08 -31.53 2.60
CA ILE A 284 12.06 -30.98 3.54
C ILE A 284 12.03 -31.77 4.84
N LEU A 285 10.84 -31.98 5.37
CA LEU A 285 10.72 -32.66 6.66
C LEU A 285 11.15 -34.12 6.58
N GLN A 286 10.94 -34.79 5.43
CA GLN A 286 11.42 -36.15 5.25
C GLN A 286 12.95 -36.19 5.27
N ASN A 287 13.59 -35.22 4.60
CA ASN A 287 15.06 -35.18 4.65
C ASN A 287 15.56 -34.90 6.06
N CYS A 288 14.83 -34.09 6.82
CA CYS A 288 15.16 -33.92 8.24
C CYS A 288 15.04 -35.25 8.99
N TRP A 289 13.94 -35.97 8.76
CA TRP A 289 13.76 -37.27 9.43
C TRP A 289 14.94 -38.18 9.17
N LYS A 290 15.40 -38.22 7.93
CA LYS A 290 16.51 -39.11 7.58
C LYS A 290 17.80 -38.70 8.27
N ALA A 291 17.98 -37.40 8.50
CA ALA A 291 19.22 -36.91 9.08
C ALA A 291 19.26 -37.00 10.61
N LEU A 292 18.13 -37.32 11.28
CA LEU A 292 18.01 -37.28 12.72
C LEU A 292 18.14 -38.67 13.34
N PRO A 293 18.58 -38.76 14.58
CA PRO A 293 18.55 -40.04 15.30
C PRO A 293 17.15 -40.33 15.82
N GLU A 294 16.96 -41.50 16.43
CA GLU A 294 15.67 -41.72 17.08
C GLU A 294 15.54 -40.69 18.21
N GLY A 295 14.32 -40.25 18.46
CA GLY A 295 14.19 -39.22 19.47
C GLY A 295 14.81 -37.88 19.13
N GLY A 296 15.29 -37.69 17.89
CA GLY A 296 15.71 -36.38 17.46
C GLY A 296 14.50 -35.53 17.13
N THR A 297 14.69 -34.21 17.16
CA THR A 297 13.55 -33.30 17.05
C THR A 297 13.81 -32.28 15.96
N VAL A 298 12.75 -31.95 15.24
CA VAL A 298 12.73 -30.74 14.42
C VAL A 298 12.02 -29.66 15.22
N ILE A 299 12.69 -28.54 15.41
CA ILE A 299 12.13 -27.37 16.08
C ILE A 299 11.71 -26.42 14.97
N VAL A 300 10.41 -26.19 14.85
CA VAL A 300 9.83 -25.35 13.79
C VAL A 300 9.42 -24.04 14.44
N VAL A 301 9.83 -22.91 13.85
CA VAL A 301 9.41 -21.59 14.34
C VAL A 301 8.66 -20.90 13.22
N GLU A 302 7.38 -20.65 13.45
CA GLU A 302 6.51 -20.03 12.45
C GLU A 302 5.41 -19.28 13.17
N PHE A 303 4.83 -18.28 12.50
CA PHE A 303 3.50 -17.83 12.90
C PHE A 303 2.48 -18.88 12.52
N VAL A 304 1.43 -18.96 13.32
CA VAL A 304 0.36 -19.94 13.12
C VAL A 304 -0.93 -19.21 12.78
N LEU A 305 -1.55 -19.64 11.70
CA LEU A 305 -2.81 -19.08 11.25
C LEU A 305 -3.93 -19.54 12.17
N PRO A 306 -4.65 -18.64 12.83
CA PRO A 306 -5.78 -19.13 13.64
C PRO A 306 -6.84 -19.81 12.77
N GLN A 307 -7.47 -20.83 13.35
CA GLN A 307 -8.50 -21.57 12.61
C GLN A 307 -9.68 -20.68 12.29
N ILE A 308 -10.05 -19.80 13.21
CA ILE A 308 -11.11 -18.81 13.05
C ILE A 308 -10.44 -17.46 13.21
N LEU A 309 -10.53 -16.62 12.18
CA LEU A 309 -9.85 -15.36 12.24
C LEU A 309 -10.70 -14.37 13.02
N GLY A 310 -10.04 -13.47 13.74
CA GLY A 310 -10.73 -12.46 14.49
C GLY A 310 -9.89 -11.20 14.54
N ASN A 311 -10.39 -10.23 15.28
CA ASN A 311 -9.72 -8.93 15.37
C ASN A 311 -8.65 -9.01 16.46
N ASN A 312 -7.56 -9.71 16.12
CA ASN A 312 -6.49 -9.90 17.08
C ASN A 312 -5.14 -9.97 16.37
N ALA A 313 -4.08 -9.85 17.17
CA ALA A 313 -2.75 -9.73 16.59
C ALA A 313 -2.35 -10.99 15.85
N GLU A 314 -2.70 -12.17 16.37
CA GLU A 314 -2.28 -13.41 15.72
C GLU A 314 -2.89 -13.53 14.33
N SER A 315 -4.11 -13.01 14.14
CA SER A 315 -4.73 -13.03 12.82
C SER A 315 -3.92 -12.20 11.83
N PHE A 316 -3.65 -10.93 12.16
CA PHE A 316 -2.95 -10.09 11.21
C PHE A 316 -1.50 -10.52 11.01
N ASN A 317 -0.88 -11.07 12.06
CA ASN A 317 0.48 -11.53 11.95
C ASN A 317 0.60 -12.77 11.10
N ALA A 318 -0.50 -13.51 10.90
CA ALA A 318 -0.47 -14.62 9.93
C ALA A 318 -0.88 -14.18 8.53
N LEU A 319 -1.87 -13.28 8.40
CA LEU A 319 -2.35 -12.90 7.09
C LEU A 319 -1.29 -12.11 6.33
N THR A 320 -0.50 -11.28 7.03
CA THR A 320 0.50 -10.47 6.35
C THR A 320 1.57 -11.32 5.67
N PRO A 321 2.27 -12.21 6.38
CA PRO A 321 3.21 -13.08 5.65
C PRO A 321 2.51 -14.00 4.69
N ASP A 322 1.24 -14.37 4.92
CA ASP A 322 0.59 -15.25 3.98
C ASP A 322 0.51 -14.61 2.59
N LEU A 323 0.17 -13.32 2.52
CA LEU A 323 0.13 -12.68 1.20
C LEU A 323 1.53 -12.47 0.63
N LEU A 324 2.52 -12.22 1.50
CA LEU A 324 3.90 -12.20 1.01
C LEU A 324 4.32 -13.56 0.44
N MET A 325 3.95 -14.66 1.09
CA MET A 325 4.23 -15.98 0.52
C MET A 325 3.51 -16.15 -0.81
N MET A 326 2.28 -15.69 -0.90
CA MET A 326 1.50 -15.88 -2.12
C MET A 326 2.16 -15.21 -3.29
N THR A 327 2.75 -14.02 -3.10
CA THR A 327 3.35 -13.31 -4.22
C THR A 327 4.79 -13.75 -4.48
N LEU A 328 5.54 -14.17 -3.45
CA LEU A 328 6.97 -14.44 -3.61
C LEU A 328 7.34 -15.89 -3.86
N ASN A 329 6.64 -16.85 -3.26
CA ASN A 329 7.26 -18.15 -3.00
C ASN A 329 6.53 -19.32 -3.66
N PRO A 330 7.21 -20.48 -3.76
CA PRO A 330 6.66 -21.61 -4.53
C PRO A 330 5.61 -22.38 -3.75
N GLY A 331 4.40 -21.85 -3.75
CA GLY A 331 3.28 -22.45 -3.03
C GLY A 331 3.27 -22.19 -1.55
N GLY A 332 4.13 -21.30 -1.08
CA GLY A 332 4.16 -20.99 0.34
C GLY A 332 2.86 -20.43 0.85
N LYS A 333 2.62 -20.64 2.14
CA LYS A 333 1.37 -20.29 2.77
C LYS A 333 1.55 -20.41 4.26
N GLU A 334 0.78 -19.63 5.03
CA GLU A 334 0.74 -19.86 6.46
C GLU A 334 -0.28 -20.95 6.80
N ARG A 335 -0.06 -21.62 7.91
CA ARG A 335 -0.75 -22.84 8.26
C ARG A 335 -1.30 -22.79 9.68
N THR A 336 -2.38 -23.56 9.88
CA THR A 336 -2.96 -23.75 11.19
C THR A 336 -2.19 -24.81 11.97
N THR A 337 -2.51 -24.93 13.28
CA THR A 337 -1.92 -26.00 14.07
C THR A 337 -2.21 -27.36 13.47
N THR A 338 -3.46 -27.58 13.05
CA THR A 338 -3.85 -28.86 12.45
C THR A 338 -3.01 -29.16 11.23
N GLU A 339 -2.76 -28.15 10.41
CA GLU A 339 -1.99 -28.36 9.19
C GLU A 339 -0.54 -28.69 9.51
N PHE A 340 0.07 -27.99 10.48
CA PHE A 340 1.44 -28.33 10.86
C PHE A 340 1.55 -29.75 11.38
N ASP A 341 0.59 -30.18 12.22
CA ASP A 341 0.58 -31.56 12.68
C ASP A 341 0.49 -32.52 11.51
N GLY A 342 -0.32 -32.18 10.50
CA GLY A 342 -0.45 -33.04 9.33
C GLY A 342 0.84 -33.16 8.55
N LEU A 343 1.57 -32.06 8.40
CA LEU A 343 2.88 -32.10 7.77
C LEU A 343 3.82 -33.03 8.53
N ALA A 344 3.86 -32.86 9.86
CA ALA A 344 4.76 -33.65 10.68
C ALA A 344 4.47 -35.14 10.52
N LYS A 345 3.19 -35.50 10.59
CA LYS A 345 2.84 -36.93 10.50
C LYS A 345 3.09 -37.46 9.10
N ALA A 346 2.81 -36.66 8.07
CA ALA A 346 3.06 -37.10 6.71
C ALA A 346 4.54 -37.33 6.45
N ALA A 347 5.42 -36.68 7.20
CA ALA A 347 6.85 -36.79 6.99
C ALA A 347 7.51 -37.79 7.93
N GLY A 348 6.75 -38.52 8.72
CA GLY A 348 7.29 -39.55 9.58
C GLY A 348 7.48 -39.21 11.03
N PHE A 349 7.00 -38.08 11.50
CA PHE A 349 7.15 -37.70 12.90
C PHE A 349 5.99 -38.23 13.71
N ALA A 350 6.30 -38.69 14.91
CA ALA A 350 5.31 -39.41 15.71
C ALA A 350 4.39 -38.48 16.46
N GLU A 351 4.91 -37.32 16.86
CA GLU A 351 4.30 -36.48 17.87
C GLU A 351 4.63 -35.04 17.53
N THR A 352 3.66 -34.17 17.73
CA THR A 352 3.87 -32.72 17.66
C THR A 352 3.58 -32.11 19.02
N LYS A 353 4.43 -31.16 19.43
CA LYS A 353 4.21 -30.37 20.63
C LYS A 353 4.18 -28.90 20.22
N PHE A 354 3.19 -28.17 20.74
CA PHE A 354 2.97 -26.77 20.37
C PHE A 354 3.30 -25.87 21.55
N PHE A 355 4.11 -24.85 21.29
CA PHE A 355 4.51 -23.85 22.29
C PHE A 355 4.21 -22.45 21.77
N PRO A 356 3.03 -21.93 22.07
CA PRO A 356 2.76 -20.52 21.72
C PRO A 356 3.74 -19.60 22.41
N ILE A 357 4.26 -18.63 21.65
CA ILE A 357 5.24 -17.66 22.15
C ILE A 357 4.57 -16.31 22.36
N SER A 358 4.10 -15.70 21.27
CA SER A 358 3.57 -14.34 21.39
C SER A 358 2.88 -13.94 20.09
N GLN A 359 1.67 -13.40 20.20
CA GLN A 359 0.85 -12.88 19.09
C GLN A 359 0.97 -13.73 17.81
N GLY A 360 0.83 -15.03 17.99
CA GLY A 360 0.74 -15.97 16.90
C GLY A 360 2.02 -16.70 16.60
N LEU A 361 3.16 -16.18 17.01
CA LEU A 361 4.41 -16.89 16.83
C LEU A 361 4.42 -18.11 17.74
N HIS A 362 4.78 -19.26 17.15
CA HIS A 362 4.92 -20.53 17.86
C HIS A 362 6.29 -21.15 17.63
N VAL A 363 6.72 -21.90 18.64
CA VAL A 363 7.69 -22.97 18.50
C VAL A 363 6.92 -24.28 18.50
N MET A 364 7.24 -25.15 17.56
CA MET A 364 6.64 -26.48 17.47
C MET A 364 7.77 -27.49 17.47
N GLU A 365 7.58 -28.60 18.18
CA GLU A 365 8.52 -29.69 18.15
C GLU A 365 7.89 -30.86 17.40
N PHE A 366 8.59 -31.33 16.37
CA PHE A 366 8.21 -32.55 15.67
C PHE A 366 9.14 -33.64 16.18
N HIS A 367 8.56 -34.65 16.85
CA HIS A 367 9.33 -35.74 17.44
C HIS A 367 9.16 -36.99 16.58
N LYS A 368 10.28 -37.67 16.38
CA LYS A 368 10.40 -38.80 15.46
C LYS A 368 10.11 -40.15 16.09
N VAL B 27 9.95 -3.13 24.81
CA VAL B 27 9.14 -3.12 23.60
C VAL B 27 9.17 -4.52 23.00
N ASN B 28 8.01 -4.98 22.56
CA ASN B 28 7.91 -6.26 21.84
C ASN B 28 7.90 -5.91 20.35
N TYR B 29 9.03 -6.14 19.69
CA TYR B 29 9.13 -5.76 18.29
C TYR B 29 8.32 -6.66 17.36
N LEU B 30 7.83 -7.81 17.84
CA LEU B 30 6.92 -8.57 16.99
C LEU B 30 5.75 -7.71 16.57
N SER B 31 5.36 -6.76 17.44
CA SER B 31 4.22 -5.89 17.21
C SER B 31 4.41 -4.99 16.01
N GLY B 32 5.64 -4.84 15.53
CA GLY B 32 5.89 -3.95 14.42
C GLY B 32 5.87 -4.68 13.09
N LEU B 33 6.07 -6.00 13.11
CA LEU B 33 6.25 -6.70 11.84
C LEU B 33 4.99 -6.59 11.00
N GLY B 34 3.84 -6.55 11.67
CA GLY B 34 2.57 -6.44 10.99
C GLY B 34 2.39 -5.18 10.19
N LEU B 35 3.28 -4.19 10.34
CA LEU B 35 3.17 -3.01 9.50
C LEU B 35 3.40 -3.36 8.03
N SER B 36 3.95 -4.54 7.74
CA SER B 36 4.02 -4.96 6.33
C SER B 36 2.65 -5.14 5.69
N ARG B 37 1.59 -5.24 6.50
CA ARG B 37 0.24 -5.32 5.96
C ARG B 37 -0.06 -4.12 5.07
N LEU B 38 0.54 -2.96 5.36
CA LEU B 38 0.14 -1.75 4.65
C LEU B 38 0.45 -1.86 3.17
N ILE B 39 1.54 -2.54 2.79
CA ILE B 39 1.79 -2.64 1.36
C ILE B 39 0.98 -3.79 0.76
N CYS B 40 0.66 -4.82 1.56
CA CYS B 40 -0.12 -5.93 1.03
C CYS B 40 -1.51 -5.48 0.62
N LEU B 41 -2.11 -4.58 1.40
CA LEU B 41 -3.53 -4.29 1.28
C LEU B 41 -3.89 -3.66 -0.06
N PRO B 42 -3.22 -2.61 -0.54
CA PRO B 42 -3.57 -2.07 -1.86
C PRO B 42 -3.41 -3.08 -2.97
N MET B 43 -2.42 -3.99 -2.85
CA MET B 43 -2.19 -4.96 -3.91
C MET B 43 -3.25 -6.05 -3.87
N ALA B 44 -3.71 -6.41 -2.69
CA ALA B 44 -4.84 -7.32 -2.56
C ALA B 44 -6.07 -6.67 -3.17
N LEU B 45 -6.27 -5.37 -2.91
CA LEU B 45 -7.44 -4.71 -3.48
C LEU B 45 -7.36 -4.67 -4.99
N ARG B 46 -6.20 -4.30 -5.54
CA ARG B 46 -6.07 -4.26 -6.98
C ARG B 46 -6.42 -5.61 -7.59
N ALA B 47 -5.97 -6.68 -6.95
CA ALA B 47 -6.23 -8.02 -7.49
C ALA B 47 -7.71 -8.31 -7.48
N ALA B 48 -8.38 -7.98 -6.38
CA ALA B 48 -9.81 -8.24 -6.26
C ALA B 48 -10.58 -7.44 -7.30
N ILE B 49 -10.13 -6.21 -7.59
CA ILE B 49 -10.78 -5.42 -8.61
C ILE B 49 -10.63 -6.08 -9.97
N GLU B 50 -9.41 -6.52 -10.28
CA GLU B 50 -9.13 -7.11 -11.59
C GLU B 50 -9.80 -8.46 -11.75
N LEU B 51 -10.13 -9.13 -10.65
CA LEU B 51 -10.85 -10.39 -10.67
C LEU B 51 -12.37 -10.23 -10.68
N ASN B 52 -12.88 -9.01 -10.63
CA ASN B 52 -14.31 -8.70 -10.74
C ASN B 52 -15.08 -9.11 -9.49
N VAL B 53 -14.41 -9.16 -8.35
CA VAL B 53 -15.02 -9.67 -7.11
C VAL B 53 -16.23 -8.85 -6.71
N PHE B 54 -16.14 -7.51 -6.82
CA PHE B 54 -17.15 -6.64 -6.23
C PHE B 54 -18.45 -6.73 -7.01
N GLU B 55 -18.37 -6.75 -8.35
CA GLU B 55 -19.56 -6.95 -9.17
C GLU B 55 -20.20 -8.30 -8.90
N ILE B 56 -19.37 -9.34 -8.74
CA ILE B 56 -19.90 -10.67 -8.52
C ILE B 56 -20.68 -10.73 -7.23
N ILE B 57 -20.13 -10.15 -6.16
CA ILE B 57 -20.88 -10.08 -4.89
C ILE B 57 -22.16 -9.29 -5.08
N PHE B 58 -22.07 -8.12 -5.71
CA PHE B 58 -23.23 -7.24 -5.84
C PHE B 58 -24.38 -7.89 -6.59
N GLN B 59 -24.08 -8.65 -7.65
CA GLN B 59 -25.14 -9.29 -8.43
C GLN B 59 -25.94 -10.27 -7.59
N ALA B 60 -25.36 -10.79 -6.52
CA ALA B 60 -26.10 -11.66 -5.62
C ALA B 60 -27.01 -10.88 -4.68
N GLY B 61 -26.89 -9.55 -4.69
CA GLY B 61 -27.66 -8.67 -3.86
C GLY B 61 -26.74 -7.68 -3.18
N PRO B 62 -27.14 -6.40 -3.10
CA PRO B 62 -26.24 -5.39 -2.53
C PRO B 62 -25.76 -5.79 -1.14
N GLU B 63 -26.60 -6.51 -0.42
CA GLU B 63 -26.34 -6.99 0.93
C GLU B 63 -25.77 -8.40 0.97
N ALA B 64 -25.54 -9.02 -0.17
CA ALA B 64 -25.12 -10.41 -0.23
C ALA B 64 -23.73 -10.60 0.36
N GLN B 65 -23.51 -11.79 0.93
CA GLN B 65 -22.17 -12.27 1.28
C GLN B 65 -21.95 -13.64 0.63
N LEU B 66 -20.87 -13.76 -0.13
CA LEU B 66 -20.61 -14.96 -0.91
C LEU B 66 -19.36 -15.68 -0.43
N SER B 67 -19.35 -16.99 -0.58
CA SER B 67 -18.15 -17.79 -0.31
C SER B 67 -17.15 -17.62 -1.45
N PRO B 68 -15.86 -17.90 -1.19
CA PRO B 68 -14.89 -17.90 -2.30
C PRO B 68 -15.29 -18.77 -3.47
N ALA B 69 -15.87 -19.96 -3.22
CA ALA B 69 -16.28 -20.83 -4.32
C ALA B 69 -17.42 -20.22 -5.13
N GLU B 70 -18.37 -19.58 -4.45
CA GLU B 70 -19.47 -18.92 -5.18
C GLU B 70 -18.94 -17.78 -6.04
N ILE B 71 -17.89 -17.08 -5.58
CA ILE B 71 -17.33 -16.00 -6.38
C ILE B 71 -16.58 -16.57 -7.58
N VAL B 72 -15.77 -17.61 -7.35
CA VAL B 72 -15.02 -18.23 -8.43
C VAL B 72 -15.93 -18.81 -9.51
N ALA B 73 -17.13 -19.22 -9.13
CA ALA B 73 -18.12 -19.69 -10.11
C ALA B 73 -18.35 -18.70 -11.23
N LYS B 74 -18.09 -17.42 -11.01
CA LYS B 74 -18.30 -16.37 -11.99
C LYS B 74 -16.98 -15.78 -12.50
N ILE B 75 -15.86 -16.36 -12.15
CA ILE B 75 -14.55 -15.94 -12.65
C ILE B 75 -14.13 -16.95 -13.71
N PRO B 76 -13.77 -16.52 -14.90
CA PRO B 76 -13.31 -17.51 -15.90
C PRO B 76 -11.93 -18.02 -15.52
N THR B 77 -11.90 -19.22 -14.95
CA THR B 77 -10.65 -19.86 -14.61
C THR B 77 -10.94 -21.35 -14.56
N LYS B 78 -9.98 -22.12 -15.02
CA LYS B 78 -9.96 -23.57 -14.88
C LYS B 78 -9.03 -24.02 -13.77
N ASN B 79 -8.59 -23.10 -12.91
CA ASN B 79 -7.64 -23.44 -11.85
C ASN B 79 -8.40 -24.04 -10.68
N PRO B 80 -8.21 -25.34 -10.39
CA PRO B 80 -8.99 -25.93 -9.31
C PRO B 80 -8.70 -25.35 -7.95
N ASN B 81 -7.54 -24.69 -7.80
CA ASN B 81 -7.16 -24.03 -6.56
C ASN B 81 -7.69 -22.60 -6.46
N ALA B 82 -8.50 -22.15 -7.42
CA ALA B 82 -8.87 -20.73 -7.48
C ALA B 82 -9.54 -20.25 -6.19
N ALA B 83 -10.45 -21.06 -5.61
CA ALA B 83 -11.20 -20.55 -4.45
C ALA B 83 -10.32 -20.41 -3.21
N ILE B 84 -9.45 -21.39 -2.96
CA ILE B 84 -8.47 -21.29 -1.88
C ILE B 84 -7.61 -20.03 -2.07
N ALA B 85 -7.09 -19.85 -3.30
CA ALA B 85 -6.25 -18.68 -3.55
C ALA B 85 -7.02 -17.39 -3.36
N LEU B 86 -8.25 -17.30 -3.88
CA LEU B 86 -9.04 -16.07 -3.75
C LEU B 86 -9.33 -15.78 -2.28
N ASP B 87 -9.63 -16.81 -1.49
CA ASP B 87 -9.87 -16.61 -0.08
C ASP B 87 -8.66 -15.97 0.60
N ARG B 88 -7.44 -16.29 0.17
CA ARG B 88 -6.28 -15.65 0.80
C ARG B 88 -6.29 -14.13 0.60
N ILE B 89 -6.70 -13.68 -0.58
CA ILE B 89 -6.79 -12.24 -0.85
C ILE B 89 -7.97 -11.64 -0.09
N LEU B 90 -9.14 -12.28 -0.20
CA LEU B 90 -10.33 -11.70 0.37
C LEU B 90 -10.27 -11.65 1.89
N ARG B 91 -9.65 -12.63 2.56
CA ARG B 91 -9.64 -12.59 4.02
C ARG B 91 -8.77 -11.45 4.52
N MET B 92 -7.72 -11.08 3.78
CA MET B 92 -6.97 -9.89 4.15
C MET B 92 -7.81 -8.63 3.99
N LEU B 93 -8.58 -8.56 2.89
CA LEU B 93 -9.45 -7.40 2.73
C LEU B 93 -10.54 -7.35 3.81
N GLY B 94 -11.10 -8.50 4.16
CA GLY B 94 -12.13 -8.55 5.20
C GLY B 94 -11.58 -8.18 6.56
N ALA B 95 -10.43 -8.75 6.91
CA ALA B 95 -9.84 -8.41 8.21
C ALA B 95 -9.55 -6.93 8.30
N SER B 96 -9.27 -6.29 7.17
CA SER B 96 -8.95 -4.88 7.10
C SER B 96 -10.19 -4.01 6.85
N SER B 97 -11.38 -4.59 6.89
CA SER B 97 -12.65 -3.86 6.80
C SER B 97 -12.87 -3.22 5.43
N ILE B 98 -12.26 -3.79 4.38
CA ILE B 98 -12.54 -3.34 3.01
C ILE B 98 -13.67 -4.18 2.42
N LEU B 99 -13.84 -5.41 2.90
CA LEU B 99 -15.00 -6.25 2.68
C LEU B 99 -15.65 -6.53 4.02
N SER B 100 -16.94 -6.77 4.00
CA SER B 100 -17.63 -7.35 5.15
C SER B 100 -17.35 -8.84 5.17
N VAL B 101 -17.34 -9.41 6.36
CA VAL B 101 -17.09 -10.84 6.53
C VAL B 101 -18.03 -11.42 7.57
N THR B 102 -18.50 -12.63 7.30
CA THR B 102 -19.15 -13.45 8.31
C THR B 102 -18.39 -14.77 8.29
N THR B 103 -18.00 -15.24 9.47
CA THR B 103 -17.27 -16.49 9.59
C THR B 103 -18.28 -17.60 9.89
N MET B 104 -18.38 -18.55 8.99
CA MET B 104 -19.31 -19.65 9.14
C MET B 104 -18.49 -20.90 9.50
N LYS B 105 -19.21 -21.95 9.86
CA LYS B 105 -18.55 -23.18 10.24
C LYS B 105 -17.81 -23.78 9.04
N ASP B 106 -18.30 -23.53 7.83
CA ASP B 106 -17.67 -24.03 6.62
C ASP B 106 -16.68 -23.04 6.02
N GLY B 107 -16.45 -21.88 6.66
CA GLY B 107 -15.49 -20.90 6.19
C GLY B 107 -16.10 -19.52 6.11
N ARG B 108 -15.38 -18.59 5.50
CA ARG B 108 -15.77 -17.19 5.45
C ARG B 108 -16.65 -16.88 4.25
N VAL B 109 -17.58 -15.94 4.44
CA VAL B 109 -18.32 -15.35 3.34
C VAL B 109 -18.11 -13.84 3.38
N TYR B 110 -18.16 -13.24 2.19
CA TYR B 110 -17.70 -11.86 1.98
C TYR B 110 -18.74 -10.99 1.33
N GLY B 111 -18.92 -9.79 1.88
CA GLY B 111 -19.80 -8.79 1.31
C GLY B 111 -19.13 -7.43 1.13
N LEU B 112 -19.92 -6.49 0.66
CA LEU B 112 -19.45 -5.15 0.36
C LEU B 112 -19.54 -4.25 1.60
N THR B 113 -18.71 -3.22 1.61
CA THR B 113 -18.83 -2.15 2.60
C THR B 113 -19.30 -0.87 1.92
N GLU B 114 -19.49 0.18 2.71
CA GLU B 114 -19.86 1.46 2.12
C GLU B 114 -18.82 1.90 1.10
N GLU B 115 -17.54 1.63 1.38
CA GLU B 115 -16.49 1.97 0.42
C GLU B 115 -16.50 1.04 -0.79
N SER B 116 -16.48 -0.30 -0.56
CA SER B 116 -16.27 -1.22 -1.67
C SER B 116 -17.51 -1.40 -2.53
N ARG B 117 -18.69 -1.04 -2.00
CA ARG B 117 -19.88 -0.91 -2.85
C ARG B 117 -19.64 0.07 -4.00
N CYS B 118 -18.74 1.04 -3.81
CA CYS B 118 -18.45 2.01 -4.87
C CYS B 118 -17.58 1.45 -5.97
N LEU B 119 -17.12 0.20 -5.85
CA LEU B 119 -16.39 -0.50 -6.91
C LEU B 119 -17.33 -1.24 -7.86
N VAL B 120 -18.65 -1.08 -7.68
CA VAL B 120 -19.68 -1.70 -8.50
C VAL B 120 -20.21 -0.65 -9.45
N ALA B 121 -20.31 -1.00 -10.73
CA ALA B 121 -20.76 -0.02 -11.73
C ALA B 121 -22.22 0.33 -11.49
N ASP B 122 -22.53 1.61 -11.64
CA ASP B 122 -23.92 2.03 -11.53
C ASP B 122 -24.62 1.74 -12.86
N LYS B 123 -25.88 2.14 -12.95
CA LYS B 123 -26.66 1.87 -14.14
C LYS B 123 -26.03 2.49 -15.39
N ASN B 124 -25.18 3.49 -15.22
CA ASN B 124 -24.49 4.11 -16.33
C ASN B 124 -23.12 3.52 -16.57
N GLY B 125 -22.73 2.47 -15.83
CA GLY B 125 -21.44 1.86 -16.01
C GLY B 125 -20.31 2.53 -15.28
N VAL B 126 -20.62 3.39 -14.32
CA VAL B 126 -19.61 4.23 -13.65
C VAL B 126 -19.37 3.70 -12.25
N SER B 127 -18.08 3.61 -11.89
CA SER B 127 -17.68 3.26 -10.53
C SER B 127 -16.35 3.97 -10.25
N VAL B 128 -15.80 3.75 -9.06
CA VAL B 128 -14.47 4.28 -8.77
C VAL B 128 -13.34 3.39 -9.29
N VAL B 129 -13.66 2.27 -9.93
CA VAL B 129 -12.61 1.35 -10.40
C VAL B 129 -11.55 2.07 -11.24
N PRO B 130 -11.91 2.89 -12.24
CA PRO B 130 -10.86 3.56 -13.05
C PRO B 130 -9.91 4.40 -12.21
N MET B 131 -10.44 5.06 -11.18
CA MET B 131 -9.55 5.84 -10.32
C MET B 131 -8.64 4.95 -9.51
N LEU B 132 -9.17 3.86 -8.94
CA LEU B 132 -8.33 3.02 -8.08
C LEU B 132 -7.27 2.28 -8.88
N LEU B 133 -7.57 1.91 -10.12
CA LEU B 133 -6.55 1.27 -10.93
C LEU B 133 -5.49 2.27 -11.38
N PHE B 134 -5.89 3.52 -11.65
CA PHE B 134 -4.87 4.51 -11.99
C PHE B 134 -3.96 4.83 -10.80
N THR B 135 -4.52 5.02 -9.61
CA THR B 135 -3.68 5.51 -8.53
C THR B 135 -2.75 4.46 -7.98
N SER B 136 -2.94 3.17 -8.32
CA SER B 136 -1.97 2.14 -8.01
C SER B 136 -1.28 1.61 -9.26
N ASP B 137 -1.42 2.31 -10.39
CA ASP B 137 -0.71 1.94 -11.60
C ASP B 137 0.80 1.94 -11.37
N LYS B 138 1.50 1.11 -12.15
CA LYS B 138 2.95 0.97 -11.99
C LYS B 138 3.68 2.29 -12.10
N ALA B 139 3.28 3.17 -13.02
CA ALA B 139 4.04 4.42 -13.18
C ALA B 139 3.91 5.29 -11.94
N VAL B 140 2.73 5.28 -11.33
CA VAL B 140 2.50 6.07 -10.13
C VAL B 140 3.29 5.48 -8.96
N VAL B 141 3.17 4.17 -8.78
CA VAL B 141 3.81 3.52 -7.65
C VAL B 141 5.33 3.62 -7.76
N GLU B 142 5.87 3.50 -8.98
CA GLU B 142 7.30 3.67 -9.13
C GLU B 142 7.73 5.06 -8.66
N SER B 143 6.95 6.09 -9.01
CA SER B 143 7.31 7.44 -8.57
C SER B 143 7.26 7.58 -7.06
N PHE B 144 6.34 6.86 -6.40
CA PHE B 144 6.19 6.99 -4.95
C PHE B 144 7.47 6.61 -4.19
N TYR B 145 8.33 5.76 -4.78
CA TYR B 145 9.58 5.40 -4.11
C TYR B 145 10.48 6.61 -3.91
N ASN B 146 10.24 7.69 -4.64
CA ASN B 146 11.05 8.90 -4.55
C ASN B 146 10.33 10.06 -3.88
N ILE B 147 9.23 9.80 -3.18
CA ILE B 147 8.51 10.92 -2.58
C ILE B 147 9.34 11.60 -1.49
N LYS B 148 10.27 10.88 -0.83
CA LYS B 148 11.11 11.53 0.17
C LYS B 148 11.98 12.62 -0.45
N ASP B 149 12.21 12.57 -1.75
CA ASP B 149 13.05 13.58 -2.36
C ASP B 149 12.41 14.95 -2.31
N VAL B 150 11.09 15.04 -2.17
CA VAL B 150 10.45 16.34 -2.06
C VAL B 150 10.82 16.97 -0.72
N VAL B 151 11.05 16.14 0.30
CA VAL B 151 11.58 16.66 1.55
C VAL B 151 13.04 17.07 1.38
N LEU B 152 13.84 16.21 0.74
CA LEU B 152 15.28 16.39 0.80
C LEU B 152 15.81 17.43 -0.19
N GLU B 153 15.14 17.61 -1.32
CA GLU B 153 15.71 18.40 -2.42
C GLU B 153 14.70 19.38 -2.96
N GLU B 154 15.11 20.64 -3.02
CA GLU B 154 14.27 21.69 -3.58
C GLU B 154 14.04 21.45 -5.07
N GLY B 155 12.81 21.64 -5.50
CA GLY B 155 12.50 21.61 -6.92
C GLY B 155 12.37 20.24 -7.56
N VAL B 156 12.40 19.16 -6.80
CA VAL B 156 12.32 17.82 -7.36
C VAL B 156 10.89 17.35 -7.36
N ILE B 157 10.43 16.82 -8.48
CA ILE B 157 9.16 16.13 -8.57
C ILE B 157 9.44 14.63 -8.68
N PRO B 158 8.90 13.79 -7.79
CA PRO B 158 9.22 12.36 -7.88
C PRO B 158 8.92 11.73 -9.24
N PHE B 159 7.78 12.04 -9.83
CA PHE B 159 7.46 11.47 -11.14
C PHE B 159 8.50 11.87 -12.17
N ASP B 160 8.84 13.16 -12.23
CA ASP B 160 9.81 13.65 -13.21
C ASP B 160 11.17 12.98 -13.02
N ARG B 161 11.58 12.80 -11.77
CA ARG B 161 12.86 12.17 -11.50
C ARG B 161 12.83 10.70 -11.89
N THR B 162 11.68 10.04 -11.70
CA THR B 162 11.59 8.62 -11.96
C THR B 162 11.44 8.33 -13.45
N HIS B 163 10.81 9.22 -14.19
CA HIS B 163 10.41 8.96 -15.57
C HIS B 163 11.03 9.92 -16.58
N GLY B 164 11.77 10.92 -16.14
CA GLY B 164 12.47 11.80 -17.05
C GLY B 164 11.67 12.95 -17.61
N MET B 165 10.40 13.10 -17.26
CA MET B 165 9.61 14.21 -17.75
C MET B 165 8.39 14.34 -16.85
N ASP B 166 7.68 15.46 -17.00
CA ASP B 166 6.55 15.73 -16.14
C ASP B 166 5.37 14.83 -16.51
N PHE B 167 4.43 14.72 -15.58
CA PHE B 167 3.35 13.75 -15.74
C PHE B 167 2.52 14.04 -17.01
N PHE B 168 2.19 15.30 -17.28
CA PHE B 168 1.30 15.56 -18.42
C PHE B 168 2.02 15.34 -19.74
N ALA B 169 3.30 15.71 -19.83
CA ALA B 169 4.10 15.35 -20.99
C ALA B 169 4.17 13.83 -21.15
N TYR B 170 4.36 13.11 -20.04
CA TYR B 170 4.42 11.66 -20.11
C TYR B 170 3.10 11.09 -20.64
N ALA B 171 1.98 11.63 -20.18
CA ALA B 171 0.69 11.17 -20.69
C ALA B 171 0.59 11.41 -22.19
N GLY B 172 1.14 12.53 -22.65
CA GLY B 172 1.17 12.80 -24.08
C GLY B 172 2.06 11.86 -24.87
N LYS B 173 3.03 11.26 -24.21
CA LYS B 173 3.93 10.33 -24.89
C LYS B 173 3.51 8.87 -24.76
N GLU B 174 2.76 8.51 -23.72
CA GLU B 174 2.42 7.13 -23.41
C GLU B 174 0.90 6.94 -23.36
N GLN B 175 0.39 6.31 -24.42
CA GLN B 175 -1.04 6.19 -24.62
C GLN B 175 -1.72 5.37 -23.53
N SER B 176 -1.06 4.36 -22.97
CA SER B 176 -1.75 3.57 -21.95
C SER B 176 -1.94 4.37 -20.66
N VAL B 177 -1.00 5.26 -20.32
CA VAL B 177 -1.18 6.16 -19.18
C VAL B 177 -2.18 7.27 -19.52
N ASN B 178 -2.08 7.85 -20.71
CA ASN B 178 -3.09 8.81 -21.15
C ASN B 178 -4.49 8.24 -20.93
N LYS B 179 -4.72 7.00 -21.39
CA LYS B 179 -6.06 6.40 -21.28
C LYS B 179 -6.41 6.09 -19.84
N SER B 180 -5.51 5.46 -19.09
CA SER B 180 -5.81 5.13 -17.69
C SER B 180 -6.14 6.40 -16.91
N PHE B 181 -5.35 7.44 -17.09
CA PHE B 181 -5.56 8.69 -16.39
C PHE B 181 -6.84 9.37 -16.83
N ASN B 182 -7.06 9.46 -18.14
CA ASN B 182 -8.25 10.17 -18.63
C ASN B 182 -9.51 9.47 -18.15
N GLN B 183 -9.49 8.12 -18.13
CA GLN B 183 -10.66 7.38 -17.66
C GLN B 183 -10.85 7.53 -16.16
N ALA B 184 -9.76 7.57 -15.39
CA ALA B 184 -9.87 7.80 -13.97
C ALA B 184 -10.53 9.16 -13.69
N MET B 185 -10.06 10.19 -14.38
CA MET B 185 -10.63 11.52 -14.16
C MET B 185 -12.08 11.56 -14.63
N GLY B 186 -12.38 10.92 -15.75
CA GLY B 186 -13.75 10.91 -16.25
C GLY B 186 -14.72 10.26 -15.30
N ALA B 187 -14.37 9.06 -14.81
CA ALA B 187 -15.22 8.40 -13.83
C ALA B 187 -15.37 9.24 -12.59
N GLY B 188 -14.25 9.80 -12.09
CA GLY B 188 -14.35 10.67 -10.93
C GLY B 188 -15.26 11.87 -11.17
N SER B 189 -15.27 12.37 -12.41
CA SER B 189 -16.10 13.54 -12.74
C SER B 189 -17.58 13.19 -12.67
N THR B 190 -17.98 12.07 -13.26
CA THR B 190 -19.39 11.70 -13.15
C THR B 190 -19.79 11.50 -11.70
N ILE B 191 -18.93 10.84 -10.91
CA ILE B 191 -19.23 10.65 -9.50
C ILE B 191 -19.38 11.99 -8.79
N ALA B 192 -18.42 12.89 -9.03
CA ALA B 192 -18.44 14.17 -8.36
C ALA B 192 -19.69 14.96 -8.72
N PHE B 193 -20.03 15.02 -10.02
CA PHE B 193 -21.15 15.88 -10.42
C PHE B 193 -22.49 15.28 -10.02
N ASP B 194 -22.59 13.95 -9.98
CA ASP B 194 -23.80 13.36 -9.41
C ASP B 194 -24.02 13.88 -8.00
N GLU B 195 -22.96 14.02 -7.20
CA GLU B 195 -23.18 14.59 -5.86
C GLU B 195 -23.35 16.12 -5.88
N VAL B 196 -22.58 16.82 -6.71
CA VAL B 196 -22.67 18.28 -6.78
C VAL B 196 -24.12 18.70 -7.02
N PHE B 197 -24.78 18.07 -7.98
CA PHE B 197 -26.09 18.55 -8.40
C PHE B 197 -27.16 18.36 -7.34
N LYS B 198 -26.91 17.52 -6.33
CA LYS B 198 -27.86 17.38 -5.23
C LYS B 198 -27.85 18.60 -4.33
N VAL B 199 -26.79 19.42 -4.36
CA VAL B 199 -26.55 20.45 -3.37
C VAL B 199 -26.43 21.82 -4.01
N TYR B 200 -25.78 21.91 -5.17
CA TYR B 200 -25.37 23.16 -5.78
C TYR B 200 -26.18 23.41 -7.05
N LYS B 201 -26.85 24.56 -7.11
CA LYS B 201 -27.73 24.88 -8.22
C LYS B 201 -27.15 25.94 -9.14
N GLY B 202 -25.91 26.35 -8.92
CA GLY B 202 -25.38 27.48 -9.62
C GLY B 202 -25.26 27.31 -11.12
N PHE B 203 -25.22 26.07 -11.62
CA PHE B 203 -25.09 25.91 -13.07
C PHE B 203 -26.38 26.28 -13.80
N HIS B 204 -27.51 26.35 -13.08
CA HIS B 204 -28.81 26.60 -13.71
C HIS B 204 -28.87 27.92 -14.46
N ASP B 205 -28.21 28.95 -13.96
CA ASP B 205 -28.35 30.28 -14.54
C ASP B 205 -27.31 30.58 -15.61
N LEU B 206 -26.43 29.64 -15.90
CA LEU B 206 -25.35 29.87 -16.84
C LEU B 206 -25.79 29.57 -18.26
N LYS B 207 -25.23 30.33 -19.20
CA LYS B 207 -25.44 30.04 -20.60
C LYS B 207 -24.21 29.48 -21.30
N GLU B 208 -23.01 29.88 -20.92
CA GLU B 208 -21.82 29.31 -21.53
C GLU B 208 -20.80 29.02 -20.43
N LEU B 209 -20.07 27.93 -20.64
CA LEU B 209 -19.08 27.48 -19.66
C LEU B 209 -17.88 26.92 -20.40
N VAL B 210 -16.72 27.50 -20.11
CA VAL B 210 -15.44 26.98 -20.58
C VAL B 210 -14.80 26.19 -19.44
N ASP B 211 -14.55 24.91 -19.69
CA ASP B 211 -13.95 24.02 -18.70
C ASP B 211 -12.45 23.99 -18.99
N VAL B 212 -11.67 24.69 -18.17
CA VAL B 212 -10.24 24.83 -18.37
C VAL B 212 -9.54 23.61 -17.78
N GLY B 213 -8.85 22.85 -18.62
CA GLY B 213 -8.30 21.59 -18.18
C GLY B 213 -9.37 20.54 -17.94
N GLY B 214 -10.40 20.54 -18.78
CA GLY B 214 -11.60 19.74 -18.56
C GLY B 214 -11.54 18.26 -18.88
N GLY B 215 -10.35 17.71 -19.00
CA GLY B 215 -10.24 16.29 -19.26
C GLY B 215 -10.84 15.92 -20.60
N ILE B 216 -11.38 14.70 -20.68
CA ILE B 216 -11.97 14.25 -21.94
C ILE B 216 -13.38 14.80 -22.14
N GLY B 217 -13.81 15.75 -21.30
CA GLY B 217 -15.10 16.39 -21.50
C GLY B 217 -16.23 15.80 -20.69
N THR B 218 -15.95 14.83 -19.84
CA THR B 218 -16.99 14.16 -19.07
C THR B 218 -17.70 15.13 -18.12
N SER B 219 -16.95 16.03 -17.48
CA SER B 219 -17.57 17.00 -16.59
C SER B 219 -18.61 17.82 -17.34
N LEU B 220 -18.22 18.37 -18.48
CA LEU B 220 -19.16 19.17 -19.25
C LEU B 220 -20.32 18.32 -19.75
N SER B 221 -20.09 17.08 -20.13
CA SER B 221 -21.20 16.24 -20.56
C SER B 221 -22.20 16.06 -19.43
N ASN B 222 -21.72 15.86 -18.20
CA ASN B 222 -22.61 15.76 -17.04
C ASN B 222 -23.42 17.04 -16.87
N ILE B 223 -22.72 18.18 -16.97
CA ILE B 223 -23.36 19.47 -16.76
C ILE B 223 -24.41 19.72 -17.84
N ILE B 224 -24.05 19.51 -19.10
CA ILE B 224 -24.97 19.74 -20.21
C ILE B 224 -26.10 18.71 -20.20
N SER B 225 -25.86 17.50 -19.69
CA SER B 225 -26.95 16.52 -19.57
C SER B 225 -27.99 17.03 -18.59
N LYS B 226 -27.55 17.64 -17.49
CA LYS B 226 -28.48 18.19 -16.52
C LYS B 226 -29.04 19.54 -16.93
N TYR B 227 -28.28 20.33 -17.69
CA TYR B 227 -28.64 21.69 -18.07
C TYR B 227 -28.38 21.84 -19.57
N PRO B 228 -29.27 21.32 -20.42
CA PRO B 228 -28.94 21.20 -21.85
C PRO B 228 -28.89 22.49 -22.62
N HIS B 229 -29.28 23.62 -22.00
CA HIS B 229 -29.21 24.95 -22.58
C HIS B 229 -27.82 25.55 -22.54
N ILE B 230 -26.90 24.90 -21.84
CA ILE B 230 -25.56 25.45 -21.66
C ILE B 230 -24.71 25.10 -22.87
N LYS B 231 -23.99 26.09 -23.39
CA LYS B 231 -22.96 25.87 -24.40
C LYS B 231 -21.64 25.59 -23.68
N GLY B 232 -21.08 24.40 -23.89
CA GLY B 232 -19.90 23.94 -23.18
C GLY B 232 -18.68 23.84 -24.09
N ILE B 233 -17.58 24.42 -23.63
CA ILE B 233 -16.32 24.40 -24.35
C ILE B 233 -15.30 23.74 -23.43
N ASN B 234 -14.76 22.59 -23.88
CA ASN B 234 -13.69 21.87 -23.17
C ASN B 234 -12.35 22.35 -23.70
N PHE B 235 -11.49 22.85 -22.81
CA PHE B 235 -10.22 23.46 -23.16
C PHE B 235 -9.10 22.58 -22.59
N GLU B 236 -8.34 21.92 -23.47
CA GLU B 236 -7.44 20.87 -22.99
C GLU B 236 -6.20 20.73 -23.85
N LEU B 237 -5.26 19.92 -23.37
CA LEU B 237 -4.08 19.59 -24.14
C LEU B 237 -4.45 18.73 -25.34
N PRO B 238 -3.73 18.88 -26.46
CA PRO B 238 -4.09 18.10 -27.67
C PRO B 238 -4.22 16.61 -27.44
N HIS B 239 -3.32 15.98 -26.67
CA HIS B 239 -3.38 14.53 -26.51
C HIS B 239 -4.60 14.10 -25.72
N VAL B 240 -5.19 15.01 -24.93
CA VAL B 240 -6.41 14.68 -24.22
C VAL B 240 -7.62 14.81 -25.13
N ILE B 241 -7.73 15.91 -25.88
CA ILE B 241 -8.85 16.05 -26.79
C ILE B 241 -8.83 14.96 -27.86
N ALA B 242 -7.65 14.51 -28.26
CA ALA B 242 -7.60 13.41 -29.23
C ALA B 242 -8.23 12.14 -28.67
N ASP B 243 -8.18 11.93 -27.35
CA ASP B 243 -8.68 10.75 -26.66
C ASP B 243 -10.13 10.92 -26.22
N ALA B 244 -10.75 12.06 -26.54
CA ALA B 244 -12.04 12.43 -25.94
C ALA B 244 -13.21 11.93 -26.80
N PRO B 245 -14.27 11.46 -26.16
CA PRO B 245 -15.48 11.14 -26.91
C PRO B 245 -16.16 12.39 -27.43
N ASN B 246 -16.94 12.20 -28.49
CA ASN B 246 -17.69 13.31 -29.09
C ASN B 246 -19.02 13.47 -28.36
N TYR B 247 -18.91 13.93 -27.12
CA TYR B 247 -20.07 14.13 -26.28
C TYR B 247 -21.00 15.17 -26.88
N PRO B 248 -22.30 14.90 -26.97
CA PRO B 248 -23.20 15.94 -27.50
C PRO B 248 -23.13 17.21 -26.66
N GLY B 249 -23.10 18.35 -27.36
CA GLY B 249 -23.10 19.65 -26.72
C GLY B 249 -21.75 20.16 -26.30
N VAL B 250 -20.71 19.34 -26.38
CA VAL B 250 -19.37 19.71 -25.92
C VAL B 250 -18.49 20.01 -27.13
N GLU B 251 -17.91 21.20 -27.17
CA GLU B 251 -16.95 21.56 -28.21
C GLU B 251 -15.54 21.44 -27.62
N HIS B 252 -14.69 20.66 -28.27
CA HIS B 252 -13.33 20.49 -27.76
C HIS B 252 -12.39 21.46 -28.46
N ILE B 253 -11.62 22.20 -27.65
CA ILE B 253 -10.62 23.15 -28.12
C ILE B 253 -9.32 22.81 -27.42
N ALA B 254 -8.23 22.80 -28.18
CA ALA B 254 -6.90 22.56 -27.63
C ALA B 254 -6.23 23.87 -27.26
N GLY B 255 -5.48 23.86 -26.16
CA GLY B 255 -4.77 25.06 -25.74
C GLY B 255 -3.91 24.82 -24.52
N ASN B 256 -3.21 25.88 -24.13
CA ASN B 256 -2.29 25.85 -22.99
C ASN B 256 -2.73 26.91 -22.00
N MET B 257 -3.31 26.49 -20.87
CA MET B 257 -3.91 27.45 -19.96
C MET B 257 -2.92 28.43 -19.37
N PHE B 258 -1.61 28.13 -19.40
CA PHE B 258 -0.61 29.08 -18.94
C PHE B 258 -0.37 30.21 -19.93
N GLU B 259 -0.72 30.02 -21.19
CA GLU B 259 -0.62 31.07 -22.20
C GLU B 259 -1.89 31.93 -22.25
N GLY B 260 -3.04 31.34 -21.98
CA GLY B 260 -4.28 32.07 -21.96
C GLY B 260 -5.43 31.11 -22.06
N VAL B 261 -6.63 31.62 -21.75
CA VAL B 261 -7.82 30.80 -21.92
C VAL B 261 -8.83 31.55 -22.80
N PRO B 262 -9.72 30.84 -23.48
CA PRO B 262 -10.67 31.50 -24.38
C PRO B 262 -11.55 32.48 -23.61
N ASN B 263 -11.90 33.58 -24.26
CA ASN B 263 -12.92 34.46 -23.71
C ASN B 263 -14.14 33.63 -23.34
N ALA B 264 -14.69 33.90 -22.16
CA ALA B 264 -15.70 33.03 -21.57
C ALA B 264 -16.61 33.81 -20.65
N GLN B 265 -17.90 33.44 -20.62
CA GLN B 265 -18.80 34.07 -19.65
C GLN B 265 -18.55 33.51 -18.26
N ASN B 266 -18.20 32.23 -18.17
CA ASN B 266 -17.97 31.53 -16.93
C ASN B 266 -16.96 30.43 -17.22
N ILE B 267 -16.17 30.07 -16.20
CA ILE B 267 -15.11 29.08 -16.34
C ILE B 267 -15.28 28.05 -15.24
N LEU B 268 -15.04 26.78 -15.59
CA LEU B 268 -14.93 25.68 -14.63
C LEU B 268 -13.48 25.26 -14.51
N LEU B 269 -13.04 25.06 -13.27
CA LEU B 269 -11.69 24.60 -12.94
C LEU B 269 -11.86 23.47 -11.93
N LYS B 270 -11.82 22.24 -12.39
CA LYS B 270 -12.02 21.08 -11.51
C LYS B 270 -10.76 20.23 -11.47
N TRP B 271 -10.24 19.99 -10.27
CA TRP B 271 -9.07 19.13 -10.10
C TRP B 271 -7.89 19.60 -10.93
N VAL B 272 -7.82 20.91 -11.14
CA VAL B 272 -6.72 21.56 -11.86
C VAL B 272 -5.81 22.32 -10.90
N LEU B 273 -6.37 23.23 -10.09
CA LEU B 273 -5.54 23.99 -9.18
C LEU B 273 -4.74 23.08 -8.25
N HIS B 274 -5.32 21.97 -7.80
CA HIS B 274 -4.53 21.14 -6.88
C HIS B 274 -3.35 20.45 -7.56
N ASP B 275 -3.24 20.52 -8.89
CA ASP B 275 -2.06 19.95 -9.55
C ASP B 275 -0.84 20.87 -9.47
N TRP B 276 -1.00 22.12 -9.04
CA TRP B 276 0.02 23.15 -9.24
C TRP B 276 0.35 23.85 -7.95
N ASP B 277 1.59 24.33 -7.86
CA ASP B 277 1.97 25.19 -6.74
C ASP B 277 1.25 26.54 -6.82
N ASP B 278 1.45 27.35 -5.79
CA ASP B 278 0.71 28.61 -5.70
C ASP B 278 1.02 29.51 -6.88
N GLU B 279 2.28 29.58 -7.28
CA GLU B 279 2.66 30.46 -8.37
C GLU B 279 1.94 30.08 -9.67
N ARG B 280 1.97 28.79 -10.03
CA ARG B 280 1.30 28.37 -11.24
C ARG B 280 -0.22 28.46 -11.11
N SER B 281 -0.76 28.20 -9.91
CA SER B 281 -2.20 28.32 -9.71
C SER B 281 -2.66 29.76 -9.90
N ILE B 282 -1.89 30.70 -9.37
CA ILE B 282 -2.24 32.11 -9.56
C ILE B 282 -2.15 32.48 -11.03
N LYS B 283 -1.15 31.95 -11.75
CA LYS B 283 -1.09 32.26 -13.18
C LYS B 283 -2.33 31.75 -13.92
N ILE B 284 -2.73 30.52 -13.62
CA ILE B 284 -3.95 29.99 -14.24
C ILE B 284 -5.13 30.91 -13.93
N LEU B 285 -5.29 31.25 -12.66
CA LEU B 285 -6.43 32.06 -12.25
C LEU B 285 -6.37 33.47 -12.84
N GLN B 286 -5.18 34.04 -13.01
CA GLN B 286 -5.08 35.34 -13.66
C GLN B 286 -5.50 35.26 -15.10
N ASN B 287 -5.12 34.18 -15.79
CA ASN B 287 -5.56 34.00 -17.17
C ASN B 287 -7.07 33.84 -17.24
N CYS B 288 -7.65 33.15 -16.26
CA CYS B 288 -9.11 33.08 -16.18
C CYS B 288 -9.72 34.46 -15.99
N TRP B 289 -9.16 35.26 -15.07
CA TRP B 289 -9.64 36.61 -14.83
C TRP B 289 -9.64 37.40 -16.11
N LYS B 290 -8.55 37.28 -16.89
CA LYS B 290 -8.43 38.03 -18.13
C LYS B 290 -9.47 37.60 -19.15
N ALA B 291 -9.88 36.32 -19.11
CA ALA B 291 -10.84 35.81 -20.08
C ALA B 291 -12.28 36.07 -19.70
N LEU B 292 -12.55 36.51 -18.50
CA LEU B 292 -13.90 36.66 -18.00
C LEU B 292 -14.36 38.11 -18.04
N PRO B 293 -15.67 38.32 -18.19
CA PRO B 293 -16.23 39.67 -18.04
C PRO B 293 -16.33 40.06 -16.56
N GLU B 294 -16.79 41.30 -16.30
CA GLU B 294 -16.91 41.77 -14.92
C GLU B 294 -17.82 40.89 -14.06
N GLY B 295 -18.94 40.44 -14.60
CA GLY B 295 -19.81 39.62 -13.78
C GLY B 295 -19.51 38.14 -13.85
N GLY B 296 -18.40 37.76 -14.48
CA GLY B 296 -18.04 36.38 -14.65
C GLY B 296 -17.44 35.72 -13.42
N THR B 297 -17.52 34.41 -13.40
CA THR B 297 -17.12 33.62 -12.24
C THR B 297 -16.26 32.46 -12.70
N VAL B 298 -15.30 32.12 -11.84
CA VAL B 298 -14.63 30.83 -11.92
C VAL B 298 -15.28 29.90 -10.91
N ILE B 299 -15.76 28.76 -11.37
CA ILE B 299 -16.36 27.73 -10.54
C ILE B 299 -15.27 26.68 -10.31
N VAL B 300 -14.80 26.56 -9.09
CA VAL B 300 -13.69 25.67 -8.76
C VAL B 300 -14.28 24.45 -8.05
N VAL B 301 -13.89 23.27 -8.48
CA VAL B 301 -14.34 22.04 -7.82
C VAL B 301 -13.10 21.31 -7.34
N GLU B 302 -12.97 21.18 -6.02
CA GLU B 302 -11.83 20.51 -5.42
C GLU B 302 -12.25 19.88 -4.11
N PHE B 303 -11.50 18.90 -3.65
CA PHE B 303 -11.57 18.58 -2.23
C PHE B 303 -10.85 19.65 -1.44
N VAL B 304 -11.30 19.90 -0.22
CA VAL B 304 -10.73 20.95 0.61
C VAL B 304 -10.09 20.31 1.83
N LEU B 305 -8.85 20.67 2.07
CA LEU B 305 -8.10 20.16 3.21
C LEU B 305 -8.65 20.76 4.49
N PRO B 306 -9.15 19.97 5.43
CA PRO B 306 -9.55 20.56 6.72
C PRO B 306 -8.35 21.11 7.51
N GLN B 307 -8.62 22.17 8.28
CA GLN B 307 -7.59 22.67 9.19
C GLN B 307 -7.23 21.64 10.24
N ILE B 308 -8.20 20.84 10.66
CA ILE B 308 -8.04 19.84 11.71
C ILE B 308 -8.14 18.48 11.05
N LEU B 309 -7.02 17.74 11.05
CA LEU B 309 -6.98 16.42 10.43
C LEU B 309 -7.26 15.36 11.48
N GLY B 310 -7.99 14.32 11.06
CA GLY B 310 -8.32 13.21 11.90
C GLY B 310 -8.58 11.96 11.09
N ASN B 311 -9.04 10.92 11.77
CA ASN B 311 -9.40 9.65 11.14
C ASN B 311 -10.86 9.72 10.68
N ASN B 312 -11.07 10.49 9.61
CA ASN B 312 -12.41 10.63 9.06
C ASN B 312 -12.32 10.83 7.55
N ALA B 313 -13.49 10.76 6.89
CA ALA B 313 -13.50 10.77 5.44
C ALA B 313 -13.03 12.10 4.86
N GLU B 314 -13.43 13.22 5.46
CA GLU B 314 -13.03 14.52 4.90
C GLU B 314 -11.52 14.67 4.93
N SER B 315 -10.90 14.22 6.03
CA SER B 315 -9.45 14.24 6.15
C SER B 315 -8.80 13.35 5.09
N PHE B 316 -9.19 12.06 5.03
CA PHE B 316 -8.53 11.17 4.09
C PHE B 316 -8.83 11.53 2.64
N ASN B 317 -9.99 12.13 2.39
CA ASN B 317 -10.32 12.51 1.02
C ASN B 317 -9.46 13.65 0.55
N ALA B 318 -8.88 14.43 1.48
CA ALA B 318 -7.88 15.41 1.06
C ALA B 318 -6.44 14.87 1.12
N LEU B 319 -6.09 14.09 2.15
CA LEU B 319 -4.73 13.62 2.30
C LEU B 319 -4.33 12.65 1.18
N THR B 320 -5.31 11.89 0.67
CA THR B 320 -5.03 10.90 -0.38
C THR B 320 -4.62 11.59 -1.67
N PRO B 321 -5.43 12.47 -2.26
CA PRO B 321 -4.94 13.19 -3.42
C PRO B 321 -3.76 14.09 -3.10
N ASP B 322 -3.61 14.57 -1.87
CA ASP B 322 -2.45 15.41 -1.56
C ASP B 322 -1.16 14.63 -1.78
N LEU B 323 -1.11 13.37 -1.35
CA LEU B 323 0.12 12.60 -1.55
C LEU B 323 0.28 12.19 -3.00
N LEU B 324 -0.84 11.96 -3.71
CA LEU B 324 -0.73 11.75 -5.15
C LEU B 324 -0.17 12.98 -5.86
N MET B 325 -0.62 14.18 -5.47
CA MET B 325 -0.06 15.41 -6.03
C MET B 325 1.44 15.50 -5.71
N MET B 326 1.80 15.17 -4.47
CA MET B 326 3.19 15.26 -4.05
C MET B 326 4.07 14.38 -4.91
N THR B 327 3.59 13.19 -5.28
CA THR B 327 4.43 12.29 -6.07
C THR B 327 4.35 12.60 -7.56
N LEU B 328 3.22 13.08 -8.06
CA LEU B 328 3.03 13.19 -9.51
C LEU B 328 3.29 14.56 -10.12
N ASN B 329 2.98 15.65 -9.43
CA ASN B 329 2.71 16.92 -10.08
C ASN B 329 3.64 18.05 -9.65
N PRO B 330 3.68 19.15 -10.44
CA PRO B 330 4.67 20.22 -10.22
C PRO B 330 4.23 21.16 -9.11
N GLY B 331 4.53 20.77 -7.88
CA GLY B 331 4.17 21.54 -6.72
C GLY B 331 2.73 21.42 -6.29
N GLY B 332 1.98 20.49 -6.89
CA GLY B 332 0.58 20.33 -6.56
C GLY B 332 0.38 19.98 -5.10
N LYS B 333 -0.78 20.38 -4.58
CA LYS B 333 -1.08 20.22 -3.16
C LYS B 333 -2.56 20.47 -2.96
N GLU B 334 -3.13 19.81 -1.97
CA GLU B 334 -4.48 20.17 -1.54
C GLU B 334 -4.43 21.37 -0.60
N ARG B 335 -5.53 22.12 -0.60
CA ARG B 335 -5.59 23.44 0.04
C ARG B 335 -6.79 23.56 0.97
N THR B 336 -6.62 24.40 1.99
CA THR B 336 -7.69 24.76 2.89
C THR B 336 -8.58 25.84 2.27
N THR B 337 -9.71 26.12 2.92
CA THR B 337 -10.57 27.22 2.47
C THR B 337 -9.81 28.54 2.46
N THR B 338 -9.03 28.79 3.52
CA THR B 338 -8.26 30.03 3.60
C THR B 338 -7.31 30.16 2.42
N GLU B 339 -6.67 29.04 2.06
CA GLU B 339 -5.72 29.08 0.96
C GLU B 339 -6.42 29.30 -0.38
N PHE B 340 -7.57 28.67 -0.60
CA PHE B 340 -8.30 28.93 -1.84
C PHE B 340 -8.72 30.39 -1.95
N ASP B 341 -9.24 30.95 -0.85
CA ASP B 341 -9.57 32.37 -0.85
C ASP B 341 -8.32 33.21 -1.15
N GLY B 342 -7.17 32.82 -0.59
CA GLY B 342 -5.94 33.57 -0.85
C GLY B 342 -5.52 33.53 -2.30
N LEU B 343 -5.66 32.37 -2.95
CA LEU B 343 -5.38 32.27 -4.37
C LEU B 343 -6.30 33.19 -5.17
N ALA B 344 -7.59 33.13 -4.86
CA ALA B 344 -8.56 33.93 -5.60
C ALA B 344 -8.21 35.41 -5.52
N LYS B 345 -7.93 35.88 -4.30
CA LYS B 345 -7.62 37.29 -4.11
C LYS B 345 -6.32 37.67 -4.78
N ALA B 346 -5.31 36.81 -4.72
CA ALA B 346 -4.06 37.09 -5.39
C ALA B 346 -4.20 37.17 -6.90
N ALA B 347 -5.23 36.54 -7.47
CA ALA B 347 -5.45 36.53 -8.90
C ALA B 347 -6.45 37.58 -9.36
N GLY B 348 -6.91 38.44 -8.46
CA GLY B 348 -7.78 39.53 -8.83
C GLY B 348 -9.26 39.34 -8.57
N PHE B 349 -9.65 38.27 -7.91
CA PHE B 349 -11.05 38.03 -7.63
C PHE B 349 -11.42 38.66 -6.29
N ALA B 350 -12.58 39.31 -6.26
CA ALA B 350 -12.95 40.14 -5.12
C ALA B 350 -13.53 39.33 -3.98
N GLU B 351 -14.16 38.20 -4.28
CA GLU B 351 -14.97 37.48 -3.32
C GLU B 351 -14.93 36.00 -3.66
N THR B 352 -14.89 35.17 -2.64
CA THR B 352 -15.02 33.73 -2.80
C THR B 352 -16.27 33.28 -2.05
N LYS B 353 -17.04 32.39 -2.67
CA LYS B 353 -18.19 31.77 -2.02
C LYS B 353 -17.96 30.27 -1.99
N PHE B 354 -18.19 29.65 -0.84
CA PHE B 354 -17.91 28.24 -0.60
C PHE B 354 -19.21 27.45 -0.49
N PHE B 355 -19.30 26.35 -1.24
CA PHE B 355 -20.45 25.46 -1.21
C PHE B 355 -19.97 24.04 -0.89
N PRO B 356 -19.93 23.65 0.37
CA PRO B 356 -19.59 22.25 0.69
C PRO B 356 -20.61 21.30 0.07
N ILE B 357 -20.10 20.25 -0.54
CA ILE B 357 -20.95 19.28 -1.21
C ILE B 357 -21.07 18.04 -0.37
N SER B 358 -19.94 17.35 -0.18
CA SER B 358 -19.98 16.04 0.51
C SER B 358 -18.58 15.58 0.84
N GLN B 359 -18.35 15.12 2.06
CA GLN B 359 -17.09 14.58 2.57
C GLN B 359 -15.86 15.31 2.03
N GLY B 360 -15.90 16.64 2.09
CA GLY B 360 -14.76 17.45 1.78
C GLY B 360 -14.79 18.04 0.38
N LEU B 361 -15.57 17.47 -0.51
CA LEU B 361 -15.70 18.03 -1.85
C LEU B 361 -16.47 19.33 -1.74
N HIS B 362 -15.92 20.37 -2.37
CA HIS B 362 -16.54 21.68 -2.41
C HIS B 362 -16.67 22.17 -3.86
N VAL B 363 -17.72 22.98 -4.07
CA VAL B 363 -17.79 23.96 -5.14
C VAL B 363 -17.43 25.32 -4.55
N MET B 364 -16.55 26.04 -5.21
CA MET B 364 -16.20 27.39 -4.78
C MET B 364 -16.42 28.33 -5.95
N GLU B 365 -17.00 29.48 -5.70
CA GLU B 365 -17.14 30.49 -6.75
C GLU B 365 -16.17 31.62 -6.47
N PHE B 366 -15.35 31.93 -7.44
CA PHE B 366 -14.45 33.09 -7.41
C PHE B 366 -15.12 34.17 -8.24
N HIS B 367 -15.48 35.28 -7.59
CA HIS B 367 -16.22 36.37 -8.21
C HIS B 367 -15.32 37.57 -8.46
N LYS B 368 -15.44 38.14 -9.65
CA LYS B 368 -14.59 39.21 -10.13
C LYS B 368 -15.19 40.57 -9.80
N SAH C . 15.61 -19.34 8.74
CA SAH C . 15.94 -17.93 8.42
CB SAH C . 15.66 -17.63 6.95
CG SAH C . 14.20 -17.74 6.54
SD SAH C . 13.93 -17.34 4.80
C SAH C . 15.15 -17.02 9.34
O SAH C . 15.42 -15.80 9.45
OXT SAH C . 14.19 -17.46 9.99
C5' SAH C . 14.09 -18.94 4.00
C4' SAH C . 15.55 -19.34 3.78
O4' SAH C . 15.54 -20.62 3.13
C3' SAH C . 16.42 -18.41 2.91
O3' SAH C . 17.43 -17.85 3.73
C2' SAH C . 16.92 -19.29 1.76
O2' SAH C . 18.23 -19.02 1.34
C1' SAH C . 16.71 -20.73 2.30
N9 SAH C . 16.57 -21.73 1.26
C8 SAH C . 15.74 -21.67 0.19
N7 SAH C . 15.90 -22.77 -0.57
C5 SAH C . 16.84 -23.54 0.03
C6 SAH C . 17.37 -24.78 -0.31
N6 SAH C . 17.00 -25.43 -1.40
N1 SAH C . 18.32 -25.32 0.52
C2 SAH C . 18.74 -24.66 1.64
N3 SAH C . 18.21 -23.44 2.00
C4 SAH C . 17.26 -22.90 1.19
H2 SAH C . 19.50 -25.11 2.27
HN1 SAH C . 15.37 -19.81 8.06
HN2 SAH C . 15.73 -19.55 9.56
HA SAH C . 16.89 -17.78 8.58
HB1 SAH C . 16.27 -18.29 6.35
HB2 SAH C . 15.99 -16.60 6.75
HG1 SAH C . 13.59 -17.06 7.15
HG2 SAH C . 13.85 -18.76 6.74
H5'1 SAH C . 13.58 -18.92 3.04
H5'2 SAH C . 13.61 -19.70 4.61
H4' SAH C . 16.03 -19.45 4.75
H3' SAH C . 15.80 -17.61 2.50
HO3' SAH C . 18.31 -18.14 3.40
H2' SAH C . 16.26 -19.14 0.91
HO2' SAH C . 18.78 -19.81 1.48
H1' SAH C . 17.56 -20.98 2.91
H8 SAH C . 15.04 -20.86 -0.04
HN61 SAH C . 16.30 -25.02 -2.02
HN62 SAH C . 17.41 -26.34 -1.62
C1 SLX D . 7.25 -11.86 7.86
C2 SLX D . 7.05 -10.49 7.57
C3 SLX D . 6.14 -9.80 8.32
C5 SLX D . 5.43 -10.41 9.31
C8 SLX D . 5.65 -11.74 9.59
C9 SLX D . 6.58 -12.46 8.82
C10 SLX D . 6.80 -13.92 9.17
C11 SLX D . 8.16 -14.33 8.62
N12 SLX D . 8.31 -13.98 7.17
C14 SLX D . 8.32 -12.48 6.95
C16 SLX D . 8.14 -12.19 5.44
C17 SLX D . 8.94 -13.20 4.57
C25 SLX D . 9.04 -12.88 3.20
C24 SLX D . 9.73 -13.74 2.36
C21 SLX D . 10.30 -14.90 2.88
O22 SLX D . 10.99 -15.84 2.08
C23 SLX D . 11.20 -15.48 0.74
C19 SLX D . 10.17 -15.20 4.23
O20 SLX D . 10.74 -16.36 4.78
C18 SLX D . 9.50 -14.30 5.06
C13 SLX D . 9.39 -14.63 6.54
O6 SLX D . 4.51 -9.64 10.02
C7 SLX D . 3.85 -10.18 11.11
O4 SLX D . 5.88 -8.45 8.09
H2 SLX D . 7.52 -10.07 6.90
H8 SLX D . 5.17 -12.16 10.26
H10 SLX D . 6.78 -14.03 10.13
H10A SLX D . 6.11 -14.46 8.76
H11 SLX D . 8.85 -13.86 9.12
H11A SLX D . 8.27 -15.28 8.74
H14 SLX D . 9.18 -12.15 7.22
H16 SLX D . 8.48 -11.29 5.26
H16A SLX D . 7.19 -12.26 5.21
H25 SLX D . 8.65 -12.11 2.86
H24 SLX D . 9.78 -13.55 1.44
H23 SLX D . 11.73 -16.17 0.31
H23A SLX D . 10.35 -15.41 0.27
H23B SLX D . 11.68 -14.64 0.69
HO20 SLX D . 10.48 -17.04 4.34
H13 SLX D . 9.29 -15.58 6.64
H13A SLX D . 10.22 -14.32 6.96
H7 SLX D . 3.36 -10.98 10.83
H7A SLX D . 4.50 -10.43 11.79
H7B SLX D . 3.24 -9.53 11.48
HO4 SLX D . 6.58 -8.00 8.28
N SAH E . -10.86 18.67 -15.03
CA SAH E . -10.79 17.24 -15.27
CB SAH E . -9.33 16.79 -15.39
CG SAH E . -8.50 17.03 -14.13
SD SAH E . -6.79 16.41 -14.24
C SAH E . -11.47 16.49 -14.16
O SAH E . -11.72 15.28 -14.30
OXT SAH E . -11.76 17.10 -13.12
C5' SAH E . -5.97 17.90 -14.82
C4' SAH E . -6.09 18.20 -16.30
O4' SAH E . -5.35 19.40 -16.60
C3' SAH E . -5.58 17.09 -17.26
O3' SAH E . -6.65 16.55 -17.99
C2' SAH E . -4.53 17.81 -18.13
O2' SAH E . -4.47 17.38 -19.45
C1' SAH E . -4.86 19.30 -17.95
N9 SAH E . -3.75 20.19 -18.18
C8 SAH E . -2.48 20.07 -17.70
N7 SAH E . -1.76 21.09 -18.17
C5 SAH E . -2.58 21.85 -18.95
C6 SAH E . -2.36 23.01 -19.68
N6 SAH E . -1.17 23.60 -19.69
N1 SAH E . -3.41 23.54 -20.39
C2 SAH E . -4.65 22.95 -20.39
N3 SAH E . -4.85 21.80 -19.67
C4 SAH E . -3.83 21.28 -18.97
H2 SAH E . -5.46 23.40 -20.96
HN1 SAH E . -10.14 19.10 -15.20
HN2 SAH E . -11.66 18.97 -14.95
HA SAH E . -11.24 17.03 -16.12
HB1 SAH E . -8.89 17.31 -16.23
HB2 SAH E . -9.33 15.73 -15.62
HG1 SAH E . -8.98 16.54 -13.28
HG2 SAH E . -8.47 18.10 -13.92
H5'1 SAH E . -4.90 17.82 -14.58
H5'2 SAH E . -6.36 18.76 -14.27
H4' SAH E . -7.14 18.38 -16.53
H3' SAH E . -5.09 16.31 -16.68
HO3' SAH E . -6.53 16.74 -18.94
H2' SAH E . -3.56 17.63 -17.67
HO2' SAH E . -4.66 18.13 -20.05
H1' SAH E . -5.67 19.54 -18.64
H8 SAH E . -2.11 19.24 -17.09
HN61 SAH E . -0.40 23.21 -19.15
HN62 SAH E . -1.03 24.45 -20.22
C1 SLX F . -8.30 11.90 -6.51
C2 SLX F . -8.12 10.51 -6.24
C3 SLX F . -8.67 9.98 -5.10
C5 SLX F . -9.39 10.74 -4.23
C8 SLX F . -9.55 12.08 -4.50
C9 SLX F . -8.98 12.64 -5.68
C10 SLX F . -9.21 14.10 -5.96
C11 SLX F . -9.05 14.35 -7.46
N12 SLX F . -7.74 13.85 -7.97
C14 SLX F . -7.64 12.34 -7.83
C16 SLX F . -6.18 11.88 -8.02
C17 SLX F . -5.46 12.70 -9.13
C25 SLX F . -4.19 12.24 -9.55
C24 SLX F . -3.50 12.96 -10.53
C21 SLX F . -4.05 14.11 -11.07
O22 SLX F . -3.41 14.89 -12.03
C23 SLX F . -2.26 14.33 -12.60
C19 SLX F . -5.30 14.54 -10.65
O20 SLX F . -5.86 15.71 -11.15
C18 SLX F . -6.00 13.81 -9.68
C13 SLX F . -7.34 14.32 -9.26
O6 SLX F . -9.91 10.14 -3.08
C7 SLX F . -10.71 10.94 -2.26
O4 SLX F . -8.53 8.63 -4.79
H2 SLX F . -7.64 9.97 -6.83
H8 SLX F . -10.04 12.63 -3.93
H10 SLX F . -8.56 14.63 -5.47
H10A SLX F . -10.11 14.35 -5.70
H11 SLX F . -9.76 13.89 -7.93
H11A SLX F . -9.11 15.30 -7.63
H14 SLX F . -8.16 11.95 -8.56
H16 SLX F . -5.70 12.02 -7.19
H16A SLX F . -6.18 10.94 -8.28
H25 SLX F . -3.82 11.48 -9.18
H24 SLX F . -2.66 12.66 -10.79
H23 SLX F . -2.46 13.45 -12.95
H23A SLX F . -1.56 14.27 -11.93
H23B SLX F . -1.94 14.90 -13.32
HO20 SLX F . -6.18 15.56 -11.92
H13 SLX F . -7.33 15.28 -9.25
H13A SLX F . -7.99 13.98 -9.89
H7 SLX F . -10.19 11.70 -1.94
H7A SLX F . -11.48 11.26 -2.76
H7B SLX F . -11.01 10.42 -1.51
HO4 SLX F . -8.88 8.16 -5.42
#